data_2JD4
#
_entry.id   2JD4
#
_cell.length_a   70.530
_cell.length_b   55.812
_cell.length_c   100.986
_cell.angle_alpha   90.00
_cell.angle_beta   98.48
_cell.angle_gamma   90.00
#
_symmetry.space_group_name_H-M   'P 1 21 1'
#
loop_
_entity.id
_entity.type
_entity.pdbx_description
1 polymer 'LAMININ SUBUNIT ALPHA-1'
2 non-polymer 'MAGNESIUM ION'
3 non-polymer 'CHLORIDE ION'
4 water water
#
_entity_poly.entity_id   1
_entity_poly.type   'polypeptide(L)'
_entity_poly.pdbx_seq_one_letter_code
;APLAQPELCAVDTAPGYVAGAHQFGLSQNSHLVLPLQQSDVRKRLQVQLSIRTFASSGLIYYVAHQNQMDYATLQLQEGR
LHFMFDLGKGRTKVSHPALLSDGKWHTVKTEYIKRKAFMTVDGQESPSVTVVGKATTLDVERKLYLGGLPSHYRARNIGT
ITHSIPACIGEIMVNGQQLDKDRPLSASAVDRCYVVAQEGTFFEGSGYAALVKEGYKVRLDLQITLEFRTTSKNGVLLGI
SSAKVDAIGLEIVDGKVLFHVNNGAGRITATYQPRAARALCDGKWHTLQAHKSKHRIVLTVDGNSVRAESPHTHSTSADT
NDPIYVGGYPAHIKQNSLSSRASFRGCVRNLRLSRGSQVQSLDLSRAFDLQGVFPHSCPGPEP
;
_entity_poly.pdbx_strand_id   A,B
#
# COMPACT_ATOMS: atom_id res chain seq x y z
N ALA A 1 18.45 57.19 33.63
CA ALA A 1 19.72 57.95 33.45
C ALA A 1 20.92 57.03 33.64
N PRO A 2 21.47 56.51 32.53
CA PRO A 2 22.62 55.60 32.55
C PRO A 2 23.96 56.29 32.87
N LEU A 3 24.87 55.54 33.48
CA LEU A 3 26.19 56.04 33.87
C LEU A 3 27.17 56.05 32.70
N ALA A 4 26.81 55.35 31.62
CA ALA A 4 27.64 55.29 30.43
C ALA A 4 26.73 55.44 29.20
N GLN A 5 27.27 55.94 28.10
CA GLN A 5 26.45 56.13 26.90
C GLN A 5 25.82 54.78 26.54
N PRO A 6 24.54 54.77 26.15
CA PRO A 6 23.91 53.50 25.80
C PRO A 6 24.60 52.70 24.69
N GLU A 7 24.61 51.38 24.82
CA GLU A 7 25.22 50.53 23.81
C GLU A 7 24.21 50.20 22.72
N LEU A 8 24.45 50.75 21.54
CA LEU A 8 23.57 50.53 20.39
C LEU A 8 23.60 49.08 19.93
N CYS A 9 22.49 48.64 19.38
CA CYS A 9 22.36 47.28 18.85
C CYS A 9 22.64 47.32 17.36
N ALA A 10 22.82 46.15 16.75
CA ALA A 10 23.07 46.08 15.32
C ALA A 10 21.82 46.64 14.62
N VAL A 11 21.93 46.88 13.31
CA VAL A 11 20.80 47.42 12.55
C VAL A 11 20.36 46.48 11.44
N ASP A 12 19.04 46.30 11.31
CA ASP A 12 18.45 45.45 10.29
C ASP A 12 18.23 46.22 8.99
N THR A 13 18.65 45.65 7.88
CA THR A 13 18.49 46.30 6.57
C THR A 13 17.34 45.65 5.79
N ALA A 14 16.21 46.33 5.73
CA ALA A 14 15.03 45.83 5.02
C ALA A 14 15.38 45.46 3.58
N PRO A 15 15.12 44.20 3.17
CA PRO A 15 15.41 43.75 1.82
C PRO A 15 14.41 44.16 0.73
N GLY A 16 13.20 44.52 1.12
CA GLY A 16 12.20 44.88 0.13
C GLY A 16 11.50 43.61 -0.34
N TYR A 17 10.53 43.72 -1.25
CA TYR A 17 9.80 42.55 -1.72
C TYR A 17 9.95 42.18 -3.19
N VAL A 18 9.78 40.90 -3.49
CA VAL A 18 9.88 40.41 -4.86
C VAL A 18 8.55 40.65 -5.57
N ALA A 19 8.60 41.26 -6.75
CA ALA A 19 7.39 41.54 -7.51
C ALA A 19 6.88 40.28 -8.20
N GLY A 20 5.56 40.10 -8.21
CA GLY A 20 4.98 38.95 -8.87
C GLY A 20 5.36 37.60 -8.28
N ALA A 21 5.46 37.55 -6.95
CA ALA A 21 5.80 36.29 -6.28
C ALA A 21 4.94 36.21 -5.04
N HIS A 22 4.66 35.00 -4.58
CA HIS A 22 3.85 34.82 -3.39
C HIS A 22 4.50 33.90 -2.36
N GLN A 23 4.37 34.24 -1.08
CA GLN A 23 4.91 33.44 0.00
C GLN A 23 3.77 32.62 0.60
N PHE A 24 3.96 31.31 0.70
CA PHE A 24 2.95 30.44 1.27
C PHE A 24 3.47 29.86 2.59
N GLY A 25 2.67 29.00 3.23
CA GLY A 25 3.09 28.41 4.48
C GLY A 25 2.95 29.27 5.72
N LEU A 26 2.37 30.48 5.59
CA LEU A 26 2.19 31.35 6.75
C LEU A 26 1.19 30.69 7.71
N SER A 27 0.22 29.98 7.14
CA SER A 27 -0.75 29.23 7.92
C SER A 27 -0.77 27.86 7.25
N GLN A 28 -1.36 26.86 7.89
CA GLN A 28 -1.40 25.53 7.29
C GLN A 28 -2.30 25.52 6.05
N ASN A 29 -3.08 26.58 5.87
CA ASN A 29 -3.96 26.65 4.69
C ASN A 29 -3.76 27.84 3.76
N SER A 30 -2.55 28.37 3.71
CA SER A 30 -2.26 29.47 2.80
C SER A 30 -2.34 28.89 1.39
N HIS A 31 -3.03 29.55 0.49
CA HIS A 31 -3.14 29.05 -0.88
C HIS A 31 -3.79 30.05 -1.84
N LEU A 32 -3.72 29.72 -3.12
CA LEU A 32 -4.35 30.49 -4.18
C LEU A 32 -5.14 29.45 -5.00
N VAL A 33 -6.33 29.81 -5.42
CA VAL A 33 -7.14 28.93 -6.26
C VAL A 33 -7.15 29.62 -7.62
N LEU A 34 -6.50 29.01 -8.59
CA LEU A 34 -6.38 29.58 -9.92
C LEU A 34 -7.22 28.87 -10.97
N PRO A 35 -7.87 29.65 -11.86
CA PRO A 35 -8.71 29.08 -12.91
C PRO A 35 -7.86 28.46 -14.02
N LEU A 36 -8.34 27.37 -14.61
CA LEU A 36 -7.67 26.73 -15.73
C LEU A 36 -8.70 26.83 -16.87
N GLN A 37 -8.41 27.63 -17.88
CA GLN A 37 -9.38 27.79 -18.97
C GLN A 37 -8.98 27.22 -20.33
N GLN A 38 -7.76 27.46 -20.77
CA GLN A 38 -7.36 26.98 -22.08
C GLN A 38 -6.65 25.63 -22.08
N SER A 39 -6.31 25.14 -20.89
CA SER A 39 -5.62 23.88 -20.78
C SER A 39 -6.51 22.64 -20.93
N ASP A 40 -6.03 21.67 -21.70
CA ASP A 40 -6.73 20.40 -21.86
C ASP A 40 -5.71 19.42 -21.29
N VAL A 41 -5.86 19.07 -20.01
CA VAL A 41 -4.91 18.18 -19.36
C VAL A 41 -5.23 16.69 -19.41
N ARG A 42 -6.31 16.32 -20.09
CA ARG A 42 -6.71 14.92 -20.19
C ARG A 42 -5.57 13.98 -20.63
N LYS A 43 -4.85 14.37 -21.67
CA LYS A 43 -3.78 13.54 -22.19
C LYS A 43 -2.40 14.12 -21.94
N ARG A 44 -2.34 15.30 -21.34
CA ARG A 44 -1.05 15.94 -21.09
C ARG A 44 -1.12 17.01 -20.01
N LEU A 45 -0.22 16.91 -19.04
CA LEU A 45 -0.15 17.88 -17.95
C LEU A 45 1.31 18.26 -17.73
N GLN A 46 1.69 19.45 -18.18
CA GLN A 46 3.05 19.94 -18.00
C GLN A 46 3.00 21.21 -17.18
N VAL A 47 3.62 21.17 -16.00
CA VAL A 47 3.65 22.33 -15.13
C VAL A 47 5.08 22.79 -14.90
N GLN A 48 5.30 24.08 -15.03
CA GLN A 48 6.63 24.64 -14.81
C GLN A 48 6.47 25.80 -13.85
N LEU A 49 7.34 25.86 -12.84
CA LEU A 49 7.27 26.93 -11.84
C LEU A 49 8.65 27.14 -11.22
N SER A 50 8.81 28.22 -10.47
CA SER A 50 10.08 28.50 -9.80
C SER A 50 9.77 28.53 -8.31
N ILE A 51 10.66 27.95 -7.50
CA ILE A 51 10.43 27.89 -6.07
C ILE A 51 11.69 28.16 -5.25
N ARG A 52 11.48 28.72 -4.06
CA ARG A 52 12.58 29.03 -3.14
C ARG A 52 12.08 28.69 -1.74
N THR A 53 12.82 27.84 -1.03
CA THR A 53 12.38 27.41 0.29
C THR A 53 13.48 26.83 1.21
N PHE A 54 13.19 26.80 2.51
CA PHE A 54 14.10 26.23 3.51
C PHE A 54 13.34 25.07 4.17
N ALA A 55 12.07 24.90 3.82
CA ALA A 55 11.22 23.87 4.42
C ALA A 55 11.52 22.43 4.05
N SER A 56 11.04 21.50 4.87
CA SER A 56 11.27 20.10 4.59
C SER A 56 10.04 19.45 3.95
N SER A 57 8.86 20.01 4.18
CA SER A 57 7.65 19.41 3.61
C SER A 57 6.53 20.40 3.30
N GLY A 58 5.65 20.00 2.38
CA GLY A 58 4.52 20.84 2.01
C GLY A 58 3.93 20.53 0.64
N LEU A 59 2.66 20.90 0.44
CA LEU A 59 1.98 20.70 -0.84
C LEU A 59 2.23 21.91 -1.74
N ILE A 60 2.70 21.68 -2.96
CA ILE A 60 2.99 22.76 -3.89
C ILE A 60 1.83 23.06 -4.85
N TYR A 61 1.23 22.02 -5.44
CA TYR A 61 0.04 22.20 -6.28
C TYR A 61 -0.82 20.93 -6.29
N TYR A 62 -2.11 21.13 -6.54
CA TYR A 62 -3.07 20.04 -6.57
C TYR A 62 -4.24 20.32 -7.52
N VAL A 63 -4.67 19.29 -8.25
CA VAL A 63 -5.81 19.37 -9.16
C VAL A 63 -6.53 18.04 -9.00
N ALA A 64 -7.86 18.05 -9.07
CA ALA A 64 -8.60 16.81 -8.89
C ALA A 64 -10.03 16.87 -9.38
N HIS A 65 -10.58 15.68 -9.62
CA HIS A 65 -11.95 15.55 -10.06
C HIS A 65 -12.81 15.92 -8.86
N GLN A 66 -14.06 16.26 -9.10
CA GLN A 66 -14.97 16.60 -8.03
C GLN A 66 -15.10 15.44 -7.03
N ASN A 67 -15.09 14.21 -7.54
CA ASN A 67 -15.22 13.03 -6.68
C ASN A 67 -13.86 12.53 -6.21
N GLN A 68 -12.81 13.23 -6.65
CA GLN A 68 -11.43 12.91 -6.28
C GLN A 68 -10.89 11.57 -6.77
N MET A 69 -11.57 10.96 -7.74
CA MET A 69 -11.12 9.68 -8.29
C MET A 69 -9.95 9.90 -9.24
N ASP A 70 -9.81 11.13 -9.73
CA ASP A 70 -8.72 11.52 -10.61
C ASP A 70 -8.01 12.66 -9.90
N TYR A 71 -6.68 12.71 -9.98
CA TYR A 71 -5.93 13.80 -9.35
C TYR A 71 -4.48 13.85 -9.81
N ALA A 72 -3.82 14.96 -9.47
CA ALA A 72 -2.41 15.17 -9.79
C ALA A 72 -1.90 16.13 -8.73
N THR A 73 -0.72 15.84 -8.17
CA THR A 73 -0.15 16.69 -7.14
C THR A 73 1.38 16.67 -7.12
N LEU A 74 1.96 17.74 -6.59
CA LEU A 74 3.40 17.88 -6.42
C LEU A 74 3.58 18.27 -4.96
N GLN A 75 4.31 17.43 -4.22
CA GLN A 75 4.55 17.67 -2.79
C GLN A 75 6.02 17.56 -2.45
N LEU A 76 6.43 18.27 -1.40
CA LEU A 76 7.81 18.22 -0.94
C LEU A 76 7.80 17.36 0.32
N GLN A 77 8.79 16.48 0.46
CA GLN A 77 8.88 15.61 1.62
C GLN A 77 10.33 15.33 1.93
N GLU A 78 10.73 15.57 3.17
CA GLU A 78 12.11 15.37 3.60
C GLU A 78 13.04 16.15 2.68
N GLY A 79 12.59 17.34 2.27
CA GLY A 79 13.40 18.19 1.42
C GLY A 79 13.45 17.83 -0.05
N ARG A 80 12.73 16.77 -0.46
CA ARG A 80 12.74 16.35 -1.86
C ARG A 80 11.35 16.30 -2.51
N LEU A 81 11.35 16.41 -3.84
CA LEU A 81 10.11 16.44 -4.62
C LEU A 81 9.52 15.10 -5.06
N HIS A 82 8.19 15.02 -4.99
CA HIS A 82 7.41 13.84 -5.38
C HIS A 82 6.21 14.29 -6.23
N PHE A 83 6.10 13.71 -7.43
CA PHE A 83 5.02 14.03 -8.37
C PHE A 83 4.19 12.77 -8.59
N MET A 84 2.88 12.85 -8.33
CA MET A 84 2.02 11.68 -8.55
C MET A 84 0.62 12.06 -9.03
N PHE A 85 0.00 11.14 -9.76
CA PHE A 85 -1.33 11.35 -10.30
C PHE A 85 -2.03 10.00 -10.48
N ASP A 86 -3.35 10.03 -10.60
CA ASP A 86 -4.15 8.83 -10.79
C ASP A 86 -5.18 9.18 -11.86
N LEU A 87 -5.18 8.44 -12.96
CA LEU A 87 -6.11 8.68 -14.06
C LEU A 87 -7.47 8.02 -13.85
N GLY A 88 -7.66 7.37 -12.70
CA GLY A 88 -8.93 6.73 -12.43
C GLY A 88 -8.87 5.24 -12.13
N LYS A 89 -7.74 4.60 -12.44
CA LYS A 89 -7.59 3.17 -12.20
C LYS A 89 -6.20 2.77 -11.72
N GLY A 90 -5.49 3.69 -11.08
CA GLY A 90 -4.17 3.38 -10.59
C GLY A 90 -3.31 4.63 -10.46
N ARG A 91 -2.37 4.60 -9.53
CA ARG A 91 -1.49 5.74 -9.30
C ARG A 91 -0.09 5.57 -9.90
N THR A 92 0.41 6.66 -10.48
CA THR A 92 1.75 6.68 -11.05
C THR A 92 2.54 7.67 -10.19
N LYS A 93 3.76 7.33 -9.81
CA LYS A 93 4.56 8.22 -8.97
C LYS A 93 5.98 8.41 -9.50
N VAL A 94 6.48 9.63 -9.38
CA VAL A 94 7.84 9.96 -9.82
C VAL A 94 8.52 10.76 -8.72
N SER A 95 9.81 10.49 -8.50
CA SER A 95 10.57 11.21 -7.49
C SER A 95 11.83 11.79 -8.12
N HIS A 96 12.41 12.79 -7.47
CA HIS A 96 13.63 13.42 -7.97
C HIS A 96 14.58 13.55 -6.80
N PRO A 97 15.88 13.27 -7.02
CA PRO A 97 16.93 13.35 -6.00
C PRO A 97 17.34 14.74 -5.49
N ALA A 98 17.18 15.76 -6.33
CA ALA A 98 17.56 17.12 -5.95
C ALA A 98 17.07 17.56 -4.58
N LEU A 99 17.96 18.15 -3.80
CA LEU A 99 17.62 18.67 -2.49
C LEU A 99 17.25 20.14 -2.74
N LEU A 100 16.02 20.52 -2.45
CA LEU A 100 15.56 21.89 -2.73
C LEU A 100 15.59 22.90 -1.60
N SER A 101 15.69 22.43 -0.36
CA SER A 101 15.68 23.31 0.81
C SER A 101 16.93 24.14 1.11
N ASP A 102 17.54 24.74 0.09
CA ASP A 102 18.74 25.55 0.30
C ASP A 102 18.50 27.06 0.26
N GLY A 103 17.25 27.48 0.13
CA GLY A 103 16.94 28.90 0.11
C GLY A 103 17.29 29.62 -1.18
N LYS A 104 17.65 28.88 -2.21
CA LYS A 104 17.97 29.47 -3.50
C LYS A 104 16.87 29.12 -4.50
N TRP A 105 16.69 29.98 -5.50
CA TRP A 105 15.65 29.75 -6.50
C TRP A 105 15.92 28.53 -7.38
N HIS A 106 14.90 27.73 -7.61
CA HIS A 106 15.00 26.55 -8.45
C HIS A 106 13.85 26.53 -9.45
N THR A 107 14.08 25.95 -10.63
CA THR A 107 13.03 25.84 -11.63
C THR A 107 12.59 24.38 -11.55
N VAL A 108 11.27 24.16 -11.54
CA VAL A 108 10.75 22.80 -11.45
C VAL A 108 9.73 22.52 -12.56
N LYS A 109 9.77 21.31 -13.09
CA LYS A 109 8.86 20.92 -14.13
C LYS A 109 8.35 19.50 -13.88
N THR A 110 7.03 19.32 -13.99
CA THR A 110 6.44 18.00 -13.80
C THR A 110 5.70 17.70 -15.10
N GLU A 111 5.90 16.52 -15.65
CA GLU A 111 5.27 16.18 -16.91
C GLU A 111 4.64 14.81 -17.05
N TYR A 112 3.36 14.83 -17.39
CA TYR A 112 2.59 13.63 -17.66
C TYR A 112 2.24 13.80 -19.13
N ILE A 113 2.71 12.91 -19.99
CA ILE A 113 2.39 13.02 -21.40
C ILE A 113 2.31 11.64 -22.05
N LYS A 114 1.15 11.35 -22.62
CA LYS A 114 0.88 10.07 -23.28
C LYS A 114 0.85 8.92 -22.27
N ARG A 115 1.88 8.08 -22.29
CA ARG A 115 1.95 6.94 -21.37
C ARG A 115 3.20 7.02 -20.49
N LYS A 116 3.81 8.20 -20.43
CA LYS A 116 5.00 8.40 -19.61
C LYS A 116 4.85 9.59 -18.67
N ALA A 117 5.75 9.69 -17.69
CA ALA A 117 5.74 10.78 -16.73
C ALA A 117 7.15 10.98 -16.22
N PHE A 118 7.54 12.23 -15.99
CA PHE A 118 8.89 12.52 -15.50
C PHE A 118 8.99 13.90 -14.83
N MET A 119 10.10 14.15 -14.17
CA MET A 119 10.32 15.42 -13.47
C MET A 119 11.65 16.05 -13.83
N THR A 120 11.72 17.37 -13.72
CA THR A 120 12.96 18.09 -14.01
C THR A 120 13.17 19.19 -12.98
N VAL A 121 14.39 19.29 -12.47
CA VAL A 121 14.73 20.32 -11.50
C VAL A 121 16.02 20.96 -11.98
N ASP A 122 15.98 22.27 -12.21
CA ASP A 122 17.13 23.02 -12.69
C ASP A 122 17.74 22.37 -13.93
N GLY A 123 16.89 21.89 -14.84
CA GLY A 123 17.37 21.28 -16.06
C GLY A 123 17.76 19.82 -16.03
N GLN A 124 17.94 19.25 -14.83
CA GLN A 124 18.31 17.85 -14.71
C GLN A 124 17.03 17.02 -14.75
N GLU A 125 16.87 16.26 -15.85
CA GLU A 125 15.68 15.44 -16.05
C GLU A 125 15.84 14.04 -15.45
N SER A 126 14.79 13.56 -14.78
CA SER A 126 14.80 12.24 -14.17
C SER A 126 14.34 11.21 -15.19
N PRO A 127 14.68 9.93 -14.97
CA PRO A 127 14.23 8.92 -15.93
C PRO A 127 12.70 8.86 -15.95
N SER A 128 12.13 8.43 -17.06
CA SER A 128 10.68 8.35 -17.17
C SER A 128 10.08 7.13 -16.48
N VAL A 129 8.80 7.23 -16.14
CA VAL A 129 8.07 6.15 -15.51
C VAL A 129 6.86 5.86 -16.40
N THR A 130 6.44 4.61 -16.45
CA THR A 130 5.31 4.21 -17.27
C THR A 130 3.99 4.42 -16.55
N VAL A 131 3.05 5.10 -17.21
CA VAL A 131 1.75 5.36 -16.63
C VAL A 131 1.10 4.04 -16.21
N VAL A 132 0.61 4.02 -14.98
CA VAL A 132 -0.03 2.84 -14.41
C VAL A 132 -1.54 2.85 -14.59
N GLY A 133 -2.11 1.67 -14.84
CA GLY A 133 -3.55 1.59 -15.01
C GLY A 133 -4.00 1.57 -16.45
N LYS A 134 -5.27 1.23 -16.63
CA LYS A 134 -5.89 1.14 -17.95
C LYS A 134 -6.48 2.48 -18.39
N ALA A 135 -6.95 3.27 -17.41
CA ALA A 135 -7.54 4.57 -17.71
C ALA A 135 -6.59 5.36 -18.60
N THR A 136 -7.14 6.24 -19.43
CA THR A 136 -6.29 7.01 -20.34
C THR A 136 -6.38 8.52 -20.20
N THR A 137 -7.28 9.02 -19.35
CA THR A 137 -7.41 10.45 -19.21
C THR A 137 -7.39 10.99 -17.77
N LEU A 138 -6.79 12.17 -17.60
CA LEU A 138 -6.74 12.83 -16.30
C LEU A 138 -7.93 13.78 -16.35
N ASP A 139 -9.00 13.39 -15.67
CA ASP A 139 -10.24 14.17 -15.63
C ASP A 139 -10.36 14.90 -14.31
N VAL A 140 -10.15 16.22 -14.33
CA VAL A 140 -10.22 17.01 -13.11
C VAL A 140 -10.93 18.35 -13.31
N GLU A 141 -11.34 18.97 -12.20
CA GLU A 141 -12.02 20.26 -12.22
C GLU A 141 -11.09 21.33 -12.79
N ARG A 142 -11.67 22.33 -13.45
CA ARG A 142 -10.93 23.43 -14.08
C ARG A 142 -10.36 24.40 -13.04
N LYS A 143 -9.66 23.88 -12.03
CA LYS A 143 -9.08 24.72 -10.99
C LYS A 143 -7.81 24.10 -10.44
N LEU A 144 -6.79 24.94 -10.21
CA LEU A 144 -5.54 24.44 -9.66
C LEU A 144 -5.28 25.12 -8.33
N TYR A 145 -4.99 24.32 -7.31
CA TYR A 145 -4.70 24.86 -5.98
C TYR A 145 -3.18 25.00 -5.86
N LEU A 146 -2.71 26.22 -5.62
CA LEU A 146 -1.29 26.51 -5.52
C LEU A 146 -0.80 26.84 -4.11
N GLY A 147 0.25 26.16 -3.68
CA GLY A 147 0.85 26.40 -2.37
C GLY A 147 0.16 25.81 -1.15
N GLY A 148 -1.06 25.29 -1.33
CA GLY A 148 -1.79 24.72 -0.22
C GLY A 148 -3.24 24.46 -0.61
N LEU A 149 -4.06 24.13 0.37
CA LEU A 149 -5.48 23.86 0.13
C LEU A 149 -6.37 24.66 1.07
N PRO A 150 -7.65 24.88 0.70
CA PRO A 150 -8.60 25.62 1.53
C PRO A 150 -8.83 24.84 2.82
N SER A 151 -9.16 25.54 3.89
CA SER A 151 -9.41 24.92 5.19
C SER A 151 -10.57 23.91 5.16
N HIS A 152 -11.58 24.20 4.35
CA HIS A 152 -12.75 23.33 4.26
C HIS A 152 -12.56 22.08 3.41
N TYR A 153 -11.50 22.03 2.61
CA TYR A 153 -11.25 20.90 1.72
C TYR A 153 -10.60 19.69 2.42
N ARG A 154 -11.02 18.49 2.03
CA ARG A 154 -10.50 17.24 2.58
C ARG A 154 -9.93 16.44 1.43
N ALA A 155 -8.63 16.58 1.16
CA ALA A 155 -8.02 15.86 0.04
C ALA A 155 -7.78 14.39 0.41
N ARG A 156 -8.24 13.49 -0.46
CA ARG A 156 -8.08 12.05 -0.21
C ARG A 156 -7.02 11.40 -1.10
N ASN A 157 -6.38 10.38 -0.55
CA ASN A 157 -5.36 9.60 -1.24
C ASN A 157 -4.10 10.29 -1.77
N ILE A 158 -3.61 11.29 -1.04
CA ILE A 158 -2.36 11.95 -1.43
C ILE A 158 -1.45 12.03 -0.20
N GLY A 159 -1.78 11.19 0.80
CA GLY A 159 -0.99 11.13 2.01
C GLY A 159 -1.28 12.20 3.06
N THR A 160 -0.34 12.38 3.98
CA THR A 160 -0.50 13.35 5.06
C THR A 160 0.08 14.72 4.74
N ILE A 161 0.83 14.84 3.65
CA ILE A 161 1.43 16.12 3.29
C ILE A 161 0.42 17.00 2.54
N THR A 162 -0.56 17.49 3.29
CA THR A 162 -1.60 18.32 2.71
C THR A 162 -1.57 19.75 3.26
N HIS A 163 -0.59 20.06 4.10
CA HIS A 163 -0.46 21.41 4.64
C HIS A 163 0.26 22.31 3.63
N SER A 164 0.14 23.62 3.81
CA SER A 164 0.77 24.59 2.91
C SER A 164 2.30 24.60 2.98
N ILE A 165 2.93 24.64 1.81
CA ILE A 165 4.40 24.66 1.72
C ILE A 165 4.96 26.03 2.14
N PRO A 166 5.93 26.06 3.07
CA PRO A 166 6.51 27.34 3.50
C PRO A 166 7.55 27.73 2.45
N ALA A 167 7.10 28.42 1.40
CA ALA A 167 8.02 28.80 0.33
C ALA A 167 7.45 29.94 -0.51
N CYS A 168 8.33 30.55 -1.28
CA CYS A 168 7.97 31.63 -2.20
C CYS A 168 7.85 30.99 -3.58
N ILE A 169 6.78 31.30 -4.29
CA ILE A 169 6.59 30.75 -5.62
C ILE A 169 6.41 31.88 -6.62
N GLY A 170 7.15 31.82 -7.72
CA GLY A 170 7.05 32.83 -8.74
C GLY A 170 5.96 32.49 -9.73
N GLU A 171 6.25 32.70 -11.00
CA GLU A 171 5.28 32.42 -12.06
C GLU A 171 5.11 30.92 -12.28
N ILE A 172 3.96 30.52 -12.79
CA ILE A 172 3.68 29.11 -13.07
C ILE A 172 2.98 28.97 -14.41
N MET A 173 3.40 27.95 -15.16
CA MET A 173 2.84 27.68 -16.48
C MET A 173 2.23 26.28 -16.53
N VAL A 174 1.13 26.16 -17.26
CA VAL A 174 0.46 24.87 -17.43
C VAL A 174 0.30 24.69 -18.95
N ASN A 175 0.85 23.61 -19.49
CA ASN A 175 0.79 23.35 -20.93
C ASN A 175 1.13 24.58 -21.79
N GLY A 176 2.26 25.21 -21.45
CA GLY A 176 2.72 26.36 -22.21
C GLY A 176 2.08 27.72 -21.93
N GLN A 177 1.07 27.75 -21.09
CA GLN A 177 0.39 29.01 -20.76
C GLN A 177 0.74 29.49 -19.36
N GLN A 178 1.06 30.77 -19.24
CA GLN A 178 1.38 31.35 -17.95
C GLN A 178 0.07 31.71 -17.25
N LEU A 179 -0.13 31.22 -16.04
CA LEU A 179 -1.36 31.50 -15.29
C LEU A 179 -1.29 32.90 -14.65
N ASP A 180 -2.41 33.60 -14.62
CA ASP A 180 -2.41 34.93 -14.02
C ASP A 180 -2.64 34.78 -12.52
N LYS A 181 -1.55 34.75 -11.76
CA LYS A 181 -1.65 34.59 -10.31
C LYS A 181 -2.27 35.81 -9.64
N ASP A 182 -2.33 36.91 -10.38
CA ASP A 182 -2.88 38.16 -9.86
C ASP A 182 -4.40 38.15 -9.87
N ARG A 183 -5.00 37.18 -10.55
CA ARG A 183 -6.45 37.09 -10.61
C ARG A 183 -7.01 35.74 -10.14
N PRO A 184 -6.74 35.39 -8.88
CA PRO A 184 -7.22 34.12 -8.30
C PRO A 184 -8.72 34.10 -8.06
N LEU A 185 -9.31 32.91 -8.09
CA LEU A 185 -10.73 32.72 -7.85
C LEU A 185 -11.01 32.98 -6.37
N SER A 186 -10.06 32.56 -5.54
CA SER A 186 -10.17 32.75 -4.09
C SER A 186 -8.77 32.54 -3.52
N ALA A 187 -8.59 32.85 -2.25
CA ALA A 187 -7.30 32.72 -1.61
C ALA A 187 -7.41 32.88 -0.11
N SER A 188 -6.35 32.49 0.59
CA SER A 188 -6.33 32.62 2.03
C SER A 188 -4.90 32.70 2.56
N ALA A 189 -4.69 33.65 3.46
CA ALA A 189 -3.41 33.85 4.14
C ALA A 189 -2.14 33.86 3.31
N VAL A 190 -2.11 34.58 2.21
CA VAL A 190 -0.90 34.64 1.40
C VAL A 190 -0.22 35.99 1.66
N ASP A 191 1.10 36.05 1.48
CA ASP A 191 1.84 37.30 1.68
C ASP A 191 2.93 37.44 0.63
N ARG A 192 3.77 38.47 0.78
CA ARG A 192 4.86 38.74 -0.17
C ARG A 192 6.17 38.11 0.28
N CYS A 193 7.10 37.93 -0.66
CA CYS A 193 8.39 37.33 -0.36
C CYS A 193 9.47 38.40 -0.25
N TYR A 194 10.39 38.21 0.69
CA TYR A 194 11.50 39.15 0.85
C TYR A 194 12.47 38.88 -0.31
N VAL A 195 13.10 39.94 -0.82
CA VAL A 195 14.06 39.78 -1.90
C VAL A 195 15.13 38.80 -1.45
N VAL A 196 15.51 38.90 -0.18
CA VAL A 196 16.50 38.03 0.43
C VAL A 196 15.96 37.49 1.76
N ALA A 197 15.96 36.17 1.91
CA ALA A 197 15.45 35.56 3.13
C ALA A 197 16.41 34.53 3.72
N GLN A 198 16.17 34.18 4.99
CA GLN A 198 16.97 33.20 5.70
C GLN A 198 16.01 32.30 6.47
N GLU A 199 16.44 31.10 6.84
CA GLU A 199 15.56 30.20 7.56
C GLU A 199 15.09 30.79 8.89
N GLY A 200 13.78 30.79 9.10
CA GLY A 200 13.22 31.33 10.34
C GLY A 200 11.86 32.01 10.23
N THR A 201 11.33 32.41 11.39
CA THR A 201 10.05 33.08 11.46
C THR A 201 10.21 34.51 11.97
N PHE A 202 9.71 35.46 11.21
CA PHE A 202 9.81 36.87 11.59
C PHE A 202 8.70 37.33 12.55
N PHE A 203 9.11 38.08 13.58
CA PHE A 203 8.22 38.64 14.58
C PHE A 203 8.45 40.16 14.48
N GLU A 204 7.46 40.92 14.03
CA GLU A 204 7.62 42.36 13.86
C GLU A 204 7.66 43.22 15.12
N GLY A 205 7.28 42.65 16.27
CA GLY A 205 7.31 43.39 17.52
C GLY A 205 5.97 43.94 18.00
N SER A 206 4.89 43.53 17.34
CA SER A 206 3.57 44.01 17.70
C SER A 206 2.62 42.97 18.31
N GLY A 207 2.90 41.69 18.11
CA GLY A 207 1.99 40.69 18.63
C GLY A 207 2.55 39.41 19.24
N TYR A 208 2.06 38.27 18.77
CA TYR A 208 2.47 36.96 19.30
C TYR A 208 1.90 35.82 18.47
N ALA A 209 2.27 34.60 18.84
CA ALA A 209 1.74 33.40 18.20
C ALA A 209 1.37 32.47 19.34
N ALA A 210 0.16 31.91 19.30
CA ALA A 210 -0.31 30.98 20.34
C ALA A 210 -0.52 29.58 19.76
N LEU A 211 0.08 28.58 20.41
CA LEU A 211 0.02 27.18 19.97
C LEU A 211 -0.55 26.22 21.03
N VAL A 212 -1.07 25.09 20.55
CA VAL A 212 -1.65 24.05 21.42
C VAL A 212 -2.85 24.57 22.20
N LYS A 213 -3.95 24.78 21.48
CA LYS A 213 -5.17 25.29 22.09
C LYS A 213 -5.75 24.33 23.14
N GLU A 214 -5.53 23.03 22.96
CA GLU A 214 -6.05 22.05 23.90
C GLU A 214 -5.30 22.07 25.24
N GLY A 215 -4.15 22.73 25.26
CA GLY A 215 -3.37 22.84 26.48
C GLY A 215 -2.13 21.97 26.55
N TYR A 216 -1.06 22.53 27.13
CA TYR A 216 0.19 21.80 27.27
C TYR A 216 0.49 21.66 28.75
N LYS A 217 0.95 20.48 29.16
CA LYS A 217 1.28 20.22 30.57
C LYS A 217 2.79 20.09 30.75
N VAL A 218 3.41 21.08 31.40
CA VAL A 218 4.85 21.04 31.61
C VAL A 218 5.24 19.89 32.54
N ARG A 219 4.54 19.77 33.67
CA ARG A 219 4.80 18.73 34.64
C ARG A 219 6.21 18.82 35.23
N LEU A 220 6.87 17.68 35.40
CA LEU A 220 8.20 17.66 36.00
C LEU A 220 9.40 17.95 35.10
N ASP A 221 9.45 17.32 33.93
CA ASP A 221 10.58 17.52 33.05
C ASP A 221 10.20 18.02 31.66
N LEU A 222 10.97 18.98 31.16
CA LEU A 222 10.74 19.56 29.85
C LEU A 222 11.98 20.32 29.38
N GLN A 223 12.41 20.03 28.16
CA GLN A 223 13.59 20.70 27.59
C GLN A 223 13.16 21.58 26.43
N ILE A 224 13.51 22.86 26.49
CA ILE A 224 13.18 23.80 25.43
C ILE A 224 14.45 24.27 24.73
N THR A 225 14.47 24.15 23.41
CA THR A 225 15.62 24.57 22.61
C THR A 225 15.16 25.43 21.44
N LEU A 226 15.95 26.44 21.09
CA LEU A 226 15.59 27.32 19.98
C LEU A 226 16.78 28.20 19.63
N GLU A 227 16.68 28.85 18.47
CA GLU A 227 17.71 29.77 18.02
C GLU A 227 16.98 31.09 17.77
N PHE A 228 17.63 32.21 18.10
CA PHE A 228 17.00 33.49 17.89
C PHE A 228 18.01 34.55 17.43
N ARG A 229 17.52 35.58 16.76
CA ARG A 229 18.33 36.69 16.29
C ARG A 229 17.48 37.92 16.51
N THR A 230 18.08 38.99 16.99
CA THR A 230 17.33 40.20 17.25
C THR A 230 18.23 41.43 17.35
N THR A 231 17.64 42.60 17.13
CA THR A 231 18.36 43.86 17.23
C THR A 231 17.66 44.73 18.27
N SER A 232 16.97 44.08 19.20
CA SER A 232 16.25 44.77 20.29
C SER A 232 16.70 44.19 21.63
N LYS A 233 16.67 45.03 22.68
CA LYS A 233 17.11 44.61 24.00
C LYS A 233 16.04 43.98 24.89
N ASN A 234 14.78 44.10 24.49
CA ASN A 234 13.70 43.51 25.29
C ASN A 234 12.67 42.76 24.45
N GLY A 235 12.30 41.57 24.89
CA GLY A 235 11.33 40.80 24.15
C GLY A 235 11.02 39.45 24.76
N VAL A 236 9.72 39.16 24.87
CA VAL A 236 9.27 37.88 25.40
C VAL A 236 9.50 36.80 24.35
N LEU A 237 9.99 35.65 24.77
CA LEU A 237 10.23 34.55 23.84
C LEU A 237 9.16 33.46 23.97
N LEU A 238 8.92 32.99 25.18
CA LEU A 238 7.93 31.94 25.39
C LEU A 238 7.34 31.91 26.79
N GLY A 239 6.07 31.54 26.87
CA GLY A 239 5.38 31.44 28.15
C GLY A 239 4.25 30.43 28.14
N ILE A 240 4.15 29.64 29.20
CA ILE A 240 3.08 28.65 29.35
C ILE A 240 2.61 28.85 30.79
N SER A 241 1.38 29.32 30.96
CA SER A 241 0.90 29.59 32.31
C SER A 241 -0.55 29.21 32.61
N SER A 242 -0.79 28.79 33.84
CA SER A 242 -2.15 28.45 34.28
C SER A 242 -2.74 29.80 34.70
N ALA A 243 -4.05 29.85 34.91
CA ALA A 243 -4.69 31.09 35.32
C ALA A 243 -4.43 31.32 36.82
N LYS A 244 -3.70 30.40 37.43
CA LYS A 244 -3.38 30.49 38.85
C LYS A 244 -1.92 30.84 39.15
N VAL A 245 -1.15 29.85 39.59
CA VAL A 245 0.25 30.06 39.95
C VAL A 245 1.29 29.30 39.08
N ASP A 246 1.13 28.00 38.93
CA ASP A 246 2.06 27.19 38.14
C ASP A 246 2.31 27.76 36.73
N ALA A 247 3.57 27.98 36.38
CA ALA A 247 3.93 28.52 35.07
C ALA A 247 5.44 28.57 34.81
N ILE A 248 5.81 28.72 33.54
CA ILE A 248 7.20 28.84 33.13
C ILE A 248 7.31 29.96 32.09
N GLY A 249 8.46 30.62 32.02
CA GLY A 249 8.64 31.69 31.05
C GLY A 249 10.08 31.89 30.61
N LEU A 250 10.26 32.36 29.39
CA LEU A 250 11.57 32.62 28.81
C LEU A 250 11.47 34.02 28.17
N GLU A 251 12.35 34.92 28.55
CA GLU A 251 12.31 36.29 28.03
C GLU A 251 13.66 36.99 28.03
N ILE A 252 13.76 38.03 27.21
CA ILE A 252 14.97 38.84 27.09
C ILE A 252 14.62 40.20 27.72
N VAL A 253 15.32 40.55 28.79
CA VAL A 253 15.08 41.83 29.47
C VAL A 253 16.42 42.55 29.67
N ASP A 254 16.55 43.70 29.03
CA ASP A 254 17.76 44.52 29.11
C ASP A 254 19.03 43.78 28.69
N GLY A 255 18.94 43.01 27.61
CA GLY A 255 20.10 42.28 27.12
C GLY A 255 20.40 40.96 27.79
N LYS A 256 19.63 40.60 28.81
CA LYS A 256 19.84 39.32 29.49
C LYS A 256 18.69 38.35 29.23
N VAL A 257 18.99 37.06 29.33
CA VAL A 257 17.97 36.04 29.13
C VAL A 257 17.56 35.48 30.49
N LEU A 258 16.26 35.44 30.75
CA LEU A 258 15.72 34.94 32.00
C LEU A 258 14.81 33.73 31.77
N PHE A 259 14.97 32.72 32.61
CA PHE A 259 14.18 31.51 32.57
C PHE A 259 13.52 31.37 33.94
N HIS A 260 12.22 31.67 34.01
CA HIS A 260 11.46 31.60 35.26
C HIS A 260 10.64 30.32 35.33
N VAL A 261 10.51 29.79 36.54
CA VAL A 261 9.72 28.60 36.75
C VAL A 261 9.02 28.69 38.10
N ASN A 262 7.77 28.26 38.16
CA ASN A 262 7.03 28.27 39.42
C ASN A 262 6.22 26.98 39.55
N ASN A 263 6.60 26.16 40.51
CA ASN A 263 5.93 24.88 40.75
C ASN A 263 4.88 24.98 41.85
N GLY A 264 4.48 26.21 42.16
CA GLY A 264 3.47 26.41 43.18
C GLY A 264 4.01 26.85 44.54
N ALA A 265 5.33 27.04 44.62
CA ALA A 265 5.96 27.46 45.87
C ALA A 265 6.75 28.76 45.70
N GLY A 266 6.58 29.41 44.56
CA GLY A 266 7.30 30.65 44.33
C GLY A 266 8.16 30.61 43.08
N ARG A 267 8.46 31.78 42.53
CA ARG A 267 9.26 31.86 41.31
C ARG A 267 10.75 31.52 41.50
N ILE A 268 11.25 30.66 40.62
CA ILE A 268 12.66 30.24 40.62
C ILE A 268 13.21 30.83 39.32
N THR A 269 14.32 31.56 39.39
CA THR A 269 14.87 32.19 38.19
C THR A 269 16.35 31.97 37.88
N ALA A 270 16.63 31.57 36.63
CA ALA A 270 18.00 31.38 36.16
C ALA A 270 18.26 32.55 35.22
N THR A 271 19.33 33.31 35.50
CA THR A 271 19.65 34.49 34.70
C THR A 271 20.98 34.42 33.97
N TYR A 272 20.97 34.70 32.66
CA TYR A 272 22.17 34.69 31.84
C TYR A 272 22.52 36.11 31.37
N GLN A 273 23.67 36.62 31.80
CA GLN A 273 24.11 37.94 31.39
C GLN A 273 25.43 37.86 30.64
N PRO A 274 25.44 38.28 29.38
CA PRO A 274 26.66 38.24 28.55
C PRO A 274 27.67 39.33 28.94
N ARG A 275 28.93 39.13 28.54
CA ARG A 275 30.00 40.08 28.84
C ARG A 275 29.63 41.49 28.40
N ALA A 276 29.09 41.61 27.20
CA ALA A 276 28.69 42.90 26.66
C ALA A 276 27.17 43.02 26.68
N ALA A 277 26.68 44.21 27.01
CA ALA A 277 25.24 44.46 27.07
C ALA A 277 24.53 44.24 25.73
N ARG A 278 25.19 44.65 24.65
CA ARG A 278 24.62 44.51 23.31
C ARG A 278 24.99 43.20 22.60
N ALA A 279 25.68 42.32 23.31
CA ALA A 279 26.11 41.05 22.74
C ALA A 279 25.00 40.26 22.05
N LEU A 280 23.85 40.13 22.71
CA LEU A 280 22.74 39.36 22.15
C LEU A 280 21.91 40.07 21.08
N CYS A 281 21.97 41.40 21.00
CA CYS A 281 21.20 42.10 19.99
C CYS A 281 22.10 42.49 18.81
N ASP A 282 23.04 41.61 18.50
CA ASP A 282 23.99 41.84 17.40
C ASP A 282 23.46 41.42 16.04
N GLY A 283 22.23 40.92 16.00
CA GLY A 283 21.65 40.50 14.72
C GLY A 283 22.11 39.14 14.21
N LYS A 284 22.93 38.46 15.00
CA LYS A 284 23.41 37.13 14.63
C LYS A 284 22.63 36.08 15.40
N TRP A 285 22.71 34.82 14.97
CA TRP A 285 21.98 33.77 15.64
C TRP A 285 22.65 33.27 16.92
N HIS A 286 21.82 32.99 17.92
CA HIS A 286 22.28 32.49 19.22
C HIS A 286 21.47 31.26 19.56
N THR A 287 22.11 30.27 20.18
CA THR A 287 21.41 29.06 20.55
C THR A 287 20.93 29.23 21.99
N LEU A 288 19.80 28.61 22.32
CA LEU A 288 19.27 28.72 23.66
C LEU A 288 18.70 27.38 24.11
N GLN A 289 19.09 26.96 25.31
CA GLN A 289 18.63 25.71 25.89
C GLN A 289 18.13 26.00 27.31
N ALA A 290 16.94 25.52 27.62
CA ALA A 290 16.37 25.73 28.95
C ALA A 290 15.78 24.40 29.38
N HIS A 291 16.41 23.77 30.37
CA HIS A 291 15.95 22.46 30.84
C HIS A 291 15.34 22.49 32.24
N LYS A 292 14.14 21.94 32.37
CA LYS A 292 13.46 21.87 33.65
C LYS A 292 13.38 20.40 34.06
N SER A 293 13.90 20.09 35.24
CA SER A 293 13.86 18.74 35.77
C SER A 293 13.38 18.81 37.21
N LYS A 294 13.17 17.65 37.84
CA LYS A 294 12.68 17.57 39.22
C LYS A 294 12.96 18.81 40.06
N HIS A 295 14.14 18.88 40.67
CA HIS A 295 14.49 20.03 41.49
C HIS A 295 15.64 20.78 40.84
N ARG A 296 15.57 20.96 39.52
CA ARG A 296 16.63 21.65 38.81
C ARG A 296 16.16 22.45 37.60
N ILE A 297 16.79 23.61 37.42
CA ILE A 297 16.50 24.51 36.30
C ILE A 297 17.82 24.96 35.68
N VAL A 298 18.01 24.63 34.40
CA VAL A 298 19.23 24.97 33.70
C VAL A 298 19.00 25.78 32.42
N LEU A 299 19.66 26.93 32.33
CA LEU A 299 19.59 27.82 31.18
C LEU A 299 20.96 27.86 30.51
N THR A 300 20.99 27.58 29.20
CA THR A 300 22.24 27.59 28.47
C THR A 300 22.12 28.46 27.22
N VAL A 301 22.97 29.47 27.12
CA VAL A 301 22.98 30.37 25.97
C VAL A 301 24.36 30.34 25.32
N ASP A 302 24.39 30.00 24.03
CA ASP A 302 25.63 29.90 23.30
C ASP A 302 26.65 29.02 24.03
N GLY A 303 26.15 27.96 24.66
CA GLY A 303 27.03 27.05 25.37
C GLY A 303 27.30 27.38 26.82
N ASN A 304 26.93 28.60 27.25
CA ASN A 304 27.13 29.04 28.62
C ASN A 304 25.93 28.65 29.49
N SER A 305 26.19 27.84 30.52
CA SER A 305 25.12 27.39 31.41
C SER A 305 25.03 28.13 32.73
N VAL A 306 23.82 28.21 33.27
CA VAL A 306 23.53 28.85 34.54
C VAL A 306 22.33 28.11 35.12
N ARG A 307 22.45 27.64 36.35
CA ARG A 307 21.35 26.89 36.96
C ARG A 307 20.97 27.31 38.37
N ALA A 308 19.86 26.76 38.83
CA ALA A 308 19.32 27.02 40.16
C ALA A 308 18.61 25.77 40.64
N GLU A 309 18.89 25.38 41.89
CA GLU A 309 18.28 24.18 42.46
C GLU A 309 17.60 24.50 43.79
N HIS A 314 8.87 22.71 48.20
CA HIS A 314 9.74 21.97 47.29
C HIS A 314 8.98 21.25 46.18
N SER A 315 7.80 21.75 45.84
CA SER A 315 6.99 21.17 44.77
C SER A 315 7.88 21.11 43.52
N THR A 316 7.67 20.12 42.67
CA THR A 316 8.48 19.98 41.47
C THR A 316 7.71 19.97 40.15
N SER A 317 6.39 19.86 40.21
CA SER A 317 5.59 19.83 39.00
C SER A 317 4.97 21.18 38.63
N ALA A 318 5.21 21.60 37.39
CA ALA A 318 4.63 22.85 36.90
C ALA A 318 3.34 22.39 36.26
N ASP A 319 2.27 22.41 37.04
CA ASP A 319 0.99 21.95 36.55
C ASP A 319 0.24 22.91 35.65
N THR A 320 0.75 23.05 34.44
CA THR A 320 0.13 23.92 33.44
C THR A 320 -0.78 23.02 32.63
N ASN A 321 -1.70 23.63 31.89
CA ASN A 321 -2.63 22.90 31.04
C ASN A 321 -3.18 24.02 30.19
N ASP A 322 -2.25 24.76 29.57
CA ASP A 322 -2.60 25.91 28.76
C ASP A 322 -1.80 26.05 27.49
N PRO A 323 -2.20 26.98 26.61
CA PRO A 323 -1.49 27.19 25.33
C PRO A 323 -0.07 27.72 25.51
N ILE A 324 0.72 27.57 24.46
CA ILE A 324 2.10 28.04 24.48
C ILE A 324 2.14 29.36 23.72
N TYR A 325 2.48 30.44 24.42
CA TYR A 325 2.56 31.75 23.78
C TYR A 325 3.99 32.05 23.36
N VAL A 326 4.16 32.34 22.07
CA VAL A 326 5.48 32.61 21.53
C VAL A 326 5.67 34.05 21.05
N GLY A 327 6.74 34.69 21.51
CA GLY A 327 7.02 36.06 21.09
C GLY A 327 6.23 37.17 21.77
N GLY A 328 5.37 36.81 22.72
CA GLY A 328 4.56 37.81 23.41
C GLY A 328 3.22 37.25 23.85
N TYR A 329 2.30 38.12 24.27
CA TYR A 329 0.98 37.69 24.71
C TYR A 329 0.06 38.87 24.95
N PRO A 330 -1.26 38.69 24.69
CA PRO A 330 -2.24 39.77 24.88
C PRO A 330 -2.50 40.04 26.37
N ALA A 331 -2.93 41.27 26.66
CA ALA A 331 -3.20 41.72 28.03
C ALA A 331 -4.16 40.89 28.87
N HIS A 332 -5.15 40.27 28.24
CA HIS A 332 -6.11 39.47 28.99
C HIS A 332 -5.60 38.09 29.37
N ILE A 333 -4.42 37.72 28.90
CA ILE A 333 -3.82 36.42 29.21
C ILE A 333 -2.77 36.50 30.32
N LYS A 334 -2.97 35.71 31.38
CA LYS A 334 -2.04 35.72 32.50
C LYS A 334 -0.80 34.89 32.23
N GLN A 335 0.36 35.46 32.54
CA GLN A 335 1.64 34.76 32.38
C GLN A 335 2.37 34.95 33.71
N ASN A 336 2.10 34.03 34.64
CA ASN A 336 2.68 34.13 35.97
C ASN A 336 4.19 34.03 36.08
N SER A 337 4.84 33.50 35.04
CA SER A 337 6.30 33.40 35.07
C SER A 337 7.00 34.22 33.98
N LEU A 338 6.48 35.43 33.76
CA LEU A 338 7.05 36.38 32.80
C LEU A 338 6.95 37.75 33.44
N SER A 339 8.06 38.46 33.56
CA SER A 339 8.03 39.81 34.14
C SER A 339 7.74 40.84 33.05
N SER A 340 8.14 40.54 31.83
CA SER A 340 7.93 41.45 30.71
C SER A 340 6.66 41.17 29.92
N ARG A 341 6.22 42.18 29.19
CA ARG A 341 5.02 42.13 28.37
C ARG A 341 5.34 42.58 26.94
N ALA A 342 6.61 42.94 26.71
CA ALA A 342 7.07 43.43 25.41
C ALA A 342 7.18 42.34 24.35
N SER A 343 6.55 42.55 23.19
CA SER A 343 6.60 41.57 22.10
C SER A 343 7.98 41.53 21.44
N PHE A 344 8.47 40.32 21.17
CA PHE A 344 9.77 40.10 20.53
C PHE A 344 9.80 40.66 19.11
N ARG A 345 10.98 41.11 18.68
CA ARG A 345 11.18 41.61 17.30
C ARG A 345 12.47 40.96 16.81
N GLY A 346 12.35 40.16 15.75
CA GLY A 346 13.50 39.45 15.19
C GLY A 346 13.01 38.13 14.64
N CYS A 347 13.88 37.12 14.58
CA CYS A 347 13.44 35.81 14.07
C CYS A 347 13.81 34.69 15.04
N VAL A 348 13.02 33.61 14.99
CA VAL A 348 13.23 32.43 15.81
C VAL A 348 13.20 31.21 14.86
N ARG A 349 14.08 30.25 15.10
CA ARG A 349 14.16 29.05 14.26
C ARG A 349 14.41 27.82 15.11
N ASN A 350 14.06 26.65 14.58
CA ASN A 350 14.27 25.38 15.27
C ASN A 350 13.76 25.33 16.70
N LEU A 351 12.50 25.72 16.88
CA LEU A 351 11.87 25.71 18.20
C LEU A 351 11.40 24.28 18.50
N ARG A 352 11.94 23.69 19.57
CA ARG A 352 11.58 22.32 19.93
C ARG A 352 11.44 22.07 21.42
N LEU A 353 10.59 21.11 21.76
CA LEU A 353 10.36 20.74 23.16
C LEU A 353 10.66 19.27 23.38
N SER A 354 11.50 18.98 24.38
CA SER A 354 11.89 17.62 24.71
C SER A 354 11.65 17.34 26.19
N GLN A 358 12.93 11.83 22.92
CA GLN A 358 11.62 12.44 23.11
C GLN A 358 11.59 13.91 22.70
N VAL A 359 11.78 14.17 21.42
CA VAL A 359 11.78 15.53 20.90
C VAL A 359 10.51 15.88 20.12
N GLN A 360 10.19 17.17 20.09
CA GLN A 360 9.02 17.65 19.38
C GLN A 360 9.23 19.10 18.95
N SER A 361 9.27 19.34 17.64
CA SER A 361 9.48 20.69 17.14
C SER A 361 8.15 21.39 16.85
N LEU A 362 8.05 22.63 17.32
CA LEU A 362 6.84 23.43 17.16
C LEU A 362 6.80 24.16 15.82
N ASP A 363 5.71 23.95 15.09
CA ASP A 363 5.51 24.58 13.79
C ASP A 363 4.59 25.77 13.97
N LEU A 364 5.16 26.97 13.92
CA LEU A 364 4.38 28.19 14.11
C LEU A 364 3.27 28.40 13.07
N SER A 365 3.32 27.70 11.94
CA SER A 365 2.26 27.87 10.94
C SER A 365 0.94 27.27 11.44
N ARG A 366 1.02 26.51 12.54
CA ARG A 366 -0.16 25.85 13.12
C ARG A 366 -0.80 26.65 14.25
N ALA A 367 -0.30 27.86 14.50
CA ALA A 367 -0.84 28.69 15.57
C ALA A 367 -2.35 28.89 15.39
N PHE A 368 -3.11 28.87 16.49
CA PHE A 368 -4.55 29.06 16.40
C PHE A 368 -4.91 30.55 16.52
N ASP A 369 -3.94 31.34 16.97
CA ASP A 369 -4.11 32.78 17.13
C ASP A 369 -2.73 33.36 16.80
N LEU A 370 -2.68 34.20 15.77
CA LEU A 370 -1.44 34.78 15.26
C LEU A 370 -1.61 36.27 14.99
N GLN A 371 -0.69 37.08 15.52
CA GLN A 371 -0.72 38.53 15.33
C GLN A 371 0.70 39.07 15.14
N GLY A 372 0.95 39.74 14.02
CA GLY A 372 2.27 40.30 13.80
C GLY A 372 3.40 39.30 13.75
N VAL A 373 3.11 38.08 13.31
CA VAL A 373 4.10 37.01 13.22
C VAL A 373 3.95 36.36 11.85
N PHE A 374 5.07 36.03 11.22
CA PHE A 374 5.06 35.45 9.87
C PHE A 374 5.88 34.17 9.80
N PRO A 375 5.28 33.05 10.23
CA PRO A 375 5.96 31.74 10.23
C PRO A 375 6.71 31.33 8.97
N HIS A 376 7.98 30.99 9.17
CA HIS A 376 8.86 30.51 8.12
C HIS A 376 9.38 31.58 7.15
N SER A 377 8.93 32.83 7.33
CA SER A 377 9.40 33.92 6.49
C SER A 377 10.20 34.91 7.33
N CYS A 378 11.52 34.94 7.12
CA CYS A 378 12.44 35.84 7.86
C CYS A 378 13.31 36.58 6.84
N PRO A 379 13.33 37.93 6.93
CA PRO A 379 14.11 38.79 6.03
C PRO A 379 15.61 38.86 6.23
N GLY A 380 16.31 39.35 5.22
CA GLY A 380 17.74 39.53 5.29
C GLY A 380 18.56 38.28 5.09
N PRO A 381 19.83 38.42 4.68
CA PRO A 381 20.73 37.29 4.44
C PRO A 381 21.30 36.79 5.76
N GLU A 382 21.83 35.57 5.78
CA GLU A 382 22.41 35.06 7.00
C GLU A 382 23.93 35.20 7.00
N PRO A 383 24.40 36.35 6.95
N LEU B 8 -6.57 -27.19 22.35
CA LEU B 8 -7.43 -28.39 22.15
C LEU B 8 -7.63 -28.66 20.66
N CYS B 9 -6.62 -28.39 19.86
CA CYS B 9 -6.71 -28.61 18.42
C CYS B 9 -6.83 -30.10 18.13
N ALA B 10 -7.58 -30.43 17.09
CA ALA B 10 -7.78 -31.82 16.70
C ALA B 10 -6.45 -32.42 16.27
N VAL B 11 -6.39 -33.76 16.29
CA VAL B 11 -5.20 -34.49 15.87
C VAL B 11 -5.67 -35.50 14.84
N ASP B 12 -5.31 -35.28 13.59
CA ASP B 12 -5.68 -36.19 12.51
C ASP B 12 -4.58 -37.20 12.25
N THR B 13 -4.97 -38.39 11.81
CA THR B 13 -3.99 -39.41 11.47
C THR B 13 -3.44 -39.03 10.11
N ALA B 14 -2.12 -39.14 9.94
CA ALA B 14 -1.48 -38.79 8.68
C ALA B 14 -2.13 -39.49 7.50
N PRO B 15 -2.42 -38.73 6.43
CA PRO B 15 -3.06 -39.26 5.22
C PRO B 15 -2.23 -40.33 4.51
N GLY B 16 -2.91 -41.25 3.85
CA GLY B 16 -2.23 -42.30 3.12
C GLY B 16 -2.36 -42.00 1.64
N TYR B 17 -1.47 -42.56 0.83
CA TYR B 17 -1.50 -42.35 -0.62
C TYR B 17 -1.72 -43.65 -1.38
N VAL B 18 -2.43 -43.55 -2.51
CA VAL B 18 -2.70 -44.70 -3.35
C VAL B 18 -1.41 -45.11 -4.07
N ALA B 19 -0.83 -46.24 -3.67
CA ALA B 19 0.41 -46.70 -4.28
C ALA B 19 0.24 -46.91 -5.80
N GLY B 20 1.19 -46.36 -6.56
CA GLY B 20 1.18 -46.48 -8.00
C GLY B 20 0.37 -45.49 -8.83
N ALA B 21 -0.57 -44.78 -8.19
CA ALA B 21 -1.43 -43.83 -8.90
C ALA B 21 -0.85 -42.43 -9.09
N HIS B 22 -1.39 -41.68 -10.05
CA HIS B 22 -0.90 -40.33 -10.33
C HIS B 22 -2.00 -39.28 -10.32
N GLN B 23 -1.69 -38.14 -9.72
CA GLN B 23 -2.64 -37.03 -9.61
C GLN B 23 -2.36 -35.94 -10.64
N PHE B 24 -3.38 -35.62 -11.43
CA PHE B 24 -3.24 -34.59 -12.45
C PHE B 24 -4.04 -33.35 -12.08
N GLY B 25 -3.93 -32.30 -12.90
CA GLY B 25 -4.66 -31.09 -12.63
C GLY B 25 -4.03 -30.11 -11.66
N LEU B 26 -2.81 -30.38 -11.21
CA LEU B 26 -2.12 -29.48 -10.30
C LEU B 26 -1.81 -28.18 -11.02
N SER B 27 -1.64 -28.28 -12.34
CA SER B 27 -1.40 -27.12 -13.19
C SER B 27 -2.24 -27.37 -14.44
N GLN B 28 -2.50 -26.34 -15.24
CA GLN B 28 -3.30 -26.52 -16.45
C GLN B 28 -2.64 -27.50 -17.43
N ASN B 29 -1.33 -27.67 -17.31
CA ASN B 29 -0.62 -28.59 -18.20
C ASN B 29 0.03 -29.82 -17.55
N SER B 30 -0.58 -30.33 -16.48
CA SER B 30 -0.07 -31.52 -15.82
C SER B 30 -0.24 -32.66 -16.81
N HIS B 31 0.83 -33.40 -17.06
CA HIS B 31 0.75 -34.50 -18.03
C HIS B 31 1.95 -35.43 -17.94
N LEU B 32 1.79 -36.56 -18.63
CA LEU B 32 2.80 -37.58 -18.76
C LEU B 32 2.75 -37.99 -20.23
N VAL B 33 3.91 -38.18 -20.86
CA VAL B 33 3.95 -38.63 -22.25
C VAL B 33 4.49 -40.04 -22.16
N LEU B 34 3.69 -41.01 -22.61
CA LEU B 34 4.06 -42.42 -22.54
C LEU B 34 4.12 -43.11 -23.91
N PRO B 35 5.26 -43.72 -24.25
CA PRO B 35 5.46 -44.42 -25.52
C PRO B 35 4.61 -45.69 -25.63
N LEU B 36 4.20 -46.02 -26.84
CA LEU B 36 3.42 -47.24 -27.09
C LEU B 36 4.37 -48.16 -27.86
N GLN B 37 5.37 -48.67 -27.15
CA GLN B 37 6.39 -49.53 -27.74
C GLN B 37 5.91 -50.75 -28.51
N GLN B 38 4.96 -51.48 -27.95
CA GLN B 38 4.45 -52.71 -28.56
C GLN B 38 2.99 -52.71 -29.02
N SER B 39 2.54 -51.61 -29.62
CA SER B 39 1.15 -51.57 -30.06
C SER B 39 0.93 -51.19 -31.52
N ASP B 40 -0.01 -51.88 -32.16
CA ASP B 40 -0.39 -51.61 -33.53
C ASP B 40 -1.85 -51.19 -33.41
N VAL B 41 -2.13 -49.91 -33.60
CA VAL B 41 -3.48 -49.39 -33.44
C VAL B 41 -4.21 -48.98 -34.72
N ARG B 42 -3.61 -49.25 -35.88
CA ARG B 42 -4.22 -48.89 -37.16
C ARG B 42 -5.66 -49.39 -37.27
N LYS B 43 -5.91 -50.63 -36.86
CA LYS B 43 -7.25 -51.20 -36.93
C LYS B 43 -7.80 -51.70 -35.60
N ARG B 44 -7.33 -51.11 -34.50
CA ARG B 44 -7.79 -51.51 -33.17
C ARG B 44 -7.08 -50.70 -32.06
N LEU B 45 -7.88 -49.95 -31.31
CA LEU B 45 -7.38 -49.14 -30.20
C LEU B 45 -8.28 -49.43 -29.01
N GLN B 46 -7.82 -50.27 -28.10
CA GLN B 46 -8.62 -50.54 -26.92
C GLN B 46 -7.86 -50.09 -25.69
N VAL B 47 -8.38 -49.04 -25.06
CA VAL B 47 -7.75 -48.51 -23.87
C VAL B 47 -8.63 -48.78 -22.66
N GLN B 48 -8.00 -49.20 -21.58
CA GLN B 48 -8.69 -49.47 -20.33
C GLN B 48 -7.89 -48.76 -19.24
N LEU B 49 -8.57 -48.01 -18.38
CA LEU B 49 -7.91 -47.28 -17.30
C LEU B 49 -8.85 -47.09 -16.11
N SER B 50 -8.26 -46.78 -14.94
CA SER B 50 -9.02 -46.52 -13.71
C SER B 50 -8.91 -45.03 -13.41
N ILE B 51 -10.00 -44.41 -12.97
CA ILE B 51 -9.96 -42.97 -12.69
C ILE B 51 -10.89 -42.54 -11.56
N ARG B 52 -10.50 -41.49 -10.85
CA ARG B 52 -11.27 -40.93 -9.73
C ARG B 52 -11.20 -39.41 -9.77
N THR B 53 -12.36 -38.76 -9.82
CA THR B 53 -12.39 -37.30 -9.90
C THR B 53 -13.65 -36.62 -9.38
N PHE B 54 -13.51 -35.35 -9.00
CA PHE B 54 -14.61 -34.53 -8.52
C PHE B 54 -14.89 -33.47 -9.59
N ALA B 55 -14.00 -33.37 -10.57
CA ALA B 55 -14.13 -32.36 -11.62
C ALA B 55 -15.21 -32.66 -12.66
N SER B 56 -15.53 -31.64 -13.45
CA SER B 56 -16.55 -31.77 -14.48
C SER B 56 -15.99 -31.81 -15.91
N SER B 57 -14.72 -31.45 -16.08
CA SER B 57 -14.11 -31.46 -17.42
C SER B 57 -12.58 -31.58 -17.39
N GLY B 58 -12.02 -32.00 -18.51
CA GLY B 58 -10.57 -32.14 -18.64
C GLY B 58 -10.21 -33.23 -19.63
N LEU B 59 -8.98 -33.19 -20.14
CA LEU B 59 -8.52 -34.20 -21.09
C LEU B 59 -7.92 -35.41 -20.38
N ILE B 60 -8.39 -36.60 -20.73
CA ILE B 60 -7.92 -37.84 -20.11
C ILE B 60 -6.75 -38.42 -20.88
N TYR B 61 -6.92 -38.62 -22.19
CA TYR B 61 -5.82 -39.11 -23.02
C TYR B 61 -5.95 -38.61 -24.45
N TYR B 62 -4.81 -38.55 -25.14
CA TYR B 62 -4.76 -38.06 -26.51
C TYR B 62 -3.60 -38.70 -27.28
N VAL B 63 -3.87 -39.12 -28.51
CA VAL B 63 -2.84 -39.71 -29.38
C VAL B 63 -3.08 -39.14 -30.78
N ALA B 64 -2.03 -38.85 -31.53
CA ALA B 64 -2.24 -38.28 -32.86
C ALA B 64 -1.06 -38.36 -33.83
N HIS B 65 -1.40 -38.18 -35.11
CA HIS B 65 -0.43 -38.19 -36.20
C HIS B 65 0.43 -36.94 -36.06
N GLN B 66 1.63 -37.00 -36.61
CA GLN B 66 2.56 -35.89 -36.60
C GLN B 66 1.86 -34.57 -36.91
N ASN B 67 1.05 -34.56 -37.98
CA ASN B 67 0.34 -33.35 -38.38
C ASN B 67 -1.12 -33.28 -37.94
N GLN B 68 -1.54 -34.25 -37.15
CA GLN B 68 -2.89 -34.29 -36.60
C GLN B 68 -4.06 -34.67 -37.52
N MET B 69 -3.76 -35.21 -38.70
CA MET B 69 -4.82 -35.60 -39.64
C MET B 69 -5.63 -36.78 -39.09
N ASP B 70 -4.99 -37.54 -38.20
CA ASP B 70 -5.62 -38.69 -37.55
C ASP B 70 -5.43 -38.49 -36.04
N TYR B 71 -6.39 -38.95 -35.25
CA TYR B 71 -6.28 -38.81 -33.80
C TYR B 71 -7.33 -39.65 -33.07
N ALA B 72 -7.18 -39.73 -31.75
CA ALA B 72 -8.09 -40.46 -30.88
C ALA B 72 -7.95 -39.81 -29.52
N THR B 73 -9.08 -39.52 -28.87
CA THR B 73 -9.03 -38.86 -27.57
C THR B 73 -10.23 -39.17 -26.68
N LEU B 74 -10.01 -39.05 -25.38
CA LEU B 74 -11.04 -39.28 -24.36
C LEU B 74 -11.05 -38.01 -23.50
N GLN B 75 -12.20 -37.34 -23.46
CA GLN B 75 -12.34 -36.10 -22.68
C GLN B 75 -13.59 -36.14 -21.80
N LEU B 76 -13.53 -35.44 -20.67
CA LEU B 76 -14.66 -35.35 -19.76
C LEU B 76 -15.29 -33.98 -19.94
N GLN B 77 -16.61 -33.94 -20.13
CA GLN B 77 -17.33 -32.68 -20.31
C GLN B 77 -18.63 -32.76 -19.54
N GLU B 78 -18.86 -31.80 -18.66
CA GLU B 78 -20.06 -31.79 -17.83
C GLU B 78 -20.24 -33.13 -17.11
N GLY B 79 -19.15 -33.60 -16.50
CA GLY B 79 -19.17 -34.85 -15.76
C GLY B 79 -19.33 -36.14 -16.55
N ARG B 80 -19.38 -36.06 -17.87
CA ARG B 80 -19.55 -37.27 -18.68
C ARG B 80 -18.44 -37.44 -19.73
N LEU B 81 -18.20 -38.69 -20.09
CA LEU B 81 -17.14 -39.04 -21.05
C LEU B 81 -17.53 -39.03 -22.52
N HIS B 82 -16.57 -38.59 -23.34
CA HIS B 82 -16.74 -38.52 -24.79
C HIS B 82 -15.48 -39.06 -25.46
N PHE B 83 -15.65 -40.08 -26.30
CA PHE B 83 -14.55 -40.72 -27.03
C PHE B 83 -14.69 -40.43 -28.51
N MET B 84 -13.67 -39.82 -29.11
CA MET B 84 -13.72 -39.52 -30.53
C MET B 84 -12.39 -39.76 -31.24
N PHE B 85 -12.47 -40.05 -32.54
CA PHE B 85 -11.28 -40.29 -33.34
C PHE B 85 -11.52 -40.01 -34.82
N ASP B 86 -10.43 -39.80 -35.55
CA ASP B 86 -10.51 -39.51 -36.98
C ASP B 86 -9.45 -40.38 -37.68
N LEU B 87 -9.88 -41.21 -38.63
CA LEU B 87 -8.96 -42.09 -39.34
C LEU B 87 -8.33 -41.41 -40.55
N GLY B 88 -8.68 -40.15 -40.76
CA GLY B 88 -8.14 -39.41 -41.89
C GLY B 88 -9.21 -38.78 -42.75
N LYS B 89 -10.45 -39.24 -42.60
CA LYS B 89 -11.55 -38.69 -43.40
C LYS B 89 -12.86 -38.54 -42.64
N GLY B 90 -12.80 -37.95 -41.46
CA GLY B 90 -14.01 -37.75 -40.69
C GLY B 90 -13.97 -38.26 -39.27
N ARG B 91 -14.65 -37.56 -38.38
CA ARG B 91 -14.70 -37.90 -36.96
C ARG B 91 -15.82 -38.86 -36.56
N THR B 92 -15.45 -39.86 -35.75
CA THR B 92 -16.42 -40.81 -35.20
C THR B 92 -16.48 -40.47 -33.71
N LYS B 93 -17.67 -40.36 -33.17
CA LYS B 93 -17.81 -40.01 -31.76
C LYS B 93 -18.69 -41.02 -31.02
N VAL B 94 -18.42 -41.19 -29.72
CA VAL B 94 -19.16 -42.10 -28.87
C VAL B 94 -19.27 -41.45 -27.49
N SER B 95 -20.47 -41.42 -26.93
CA SER B 95 -20.68 -40.81 -25.62
C SER B 95 -21.38 -41.77 -24.64
N HIS B 96 -20.80 -41.94 -23.46
CA HIS B 96 -21.39 -42.82 -22.46
C HIS B 96 -22.18 -41.99 -21.43
N PRO B 97 -23.38 -42.46 -21.08
CA PRO B 97 -24.28 -41.79 -20.11
C PRO B 97 -23.88 -41.82 -18.64
N ALA B 98 -22.81 -42.51 -18.29
CA ALA B 98 -22.41 -42.58 -16.90
C ALA B 98 -21.82 -41.27 -16.37
N LEU B 99 -22.19 -40.92 -15.15
CA LEU B 99 -21.68 -39.72 -14.50
C LEU B 99 -20.45 -40.16 -13.71
N LEU B 100 -19.31 -39.52 -13.95
CA LEU B 100 -18.08 -39.91 -13.25
C LEU B 100 -17.58 -39.01 -12.13
N SER B 101 -18.07 -37.78 -12.07
CA SER B 101 -17.61 -36.84 -11.04
C SER B 101 -18.09 -37.14 -9.62
N ASP B 102 -18.20 -38.41 -9.25
CA ASP B 102 -18.66 -38.76 -7.90
C ASP B 102 -17.56 -39.03 -6.88
N GLY B 103 -16.32 -38.71 -7.22
CA GLY B 103 -15.20 -38.92 -6.31
C GLY B 103 -14.87 -40.36 -5.97
N LYS B 104 -15.39 -41.31 -6.74
CA LYS B 104 -15.12 -42.72 -6.48
C LYS B 104 -14.44 -43.36 -7.69
N TRP B 105 -13.75 -44.47 -7.49
CA TRP B 105 -13.05 -45.14 -8.58
C TRP B 105 -13.98 -45.77 -9.62
N HIS B 106 -13.60 -45.63 -10.89
CA HIS B 106 -14.35 -46.18 -12.01
C HIS B 106 -13.36 -46.84 -12.98
N THR B 107 -13.82 -47.88 -13.67
CA THR B 107 -13.02 -48.57 -14.66
C THR B 107 -13.58 -48.14 -16.00
N VAL B 108 -12.74 -47.58 -16.87
CA VAL B 108 -13.20 -47.10 -18.16
C VAL B 108 -12.46 -47.72 -19.33
N LYS B 109 -13.19 -47.97 -20.42
CA LYS B 109 -12.56 -48.51 -21.61
C LYS B 109 -13.16 -47.92 -22.86
N THR B 110 -12.30 -47.59 -23.81
CA THR B 110 -12.72 -47.03 -25.09
C THR B 110 -12.19 -48.00 -26.14
N GLU B 111 -13.03 -48.40 -27.08
CA GLU B 111 -12.57 -49.35 -28.09
C GLU B 111 -12.97 -49.05 -29.52
N TYR B 112 -11.97 -48.95 -30.38
CA TYR B 112 -12.15 -48.74 -31.81
C TYR B 112 -11.62 -50.06 -32.37
N ILE B 113 -12.44 -50.71 -33.19
CA ILE B 113 -12.04 -51.99 -33.76
C ILE B 113 -12.78 -52.28 -35.06
N LYS B 114 -12.02 -52.62 -36.11
CA LYS B 114 -12.61 -52.90 -37.41
C LYS B 114 -13.45 -51.72 -37.87
N ARG B 115 -14.75 -51.93 -38.01
CA ARG B 115 -15.66 -50.89 -38.46
C ARG B 115 -16.59 -50.35 -37.38
N LYS B 116 -16.21 -50.46 -36.11
CA LYS B 116 -17.05 -49.95 -35.03
C LYS B 116 -16.29 -49.45 -33.81
N ALA B 117 -17.00 -48.75 -32.93
CA ALA B 117 -16.44 -48.20 -31.70
C ALA B 117 -17.51 -48.21 -30.62
N PHE B 118 -17.07 -48.28 -29.36
CA PHE B 118 -18.00 -48.28 -28.24
C PHE B 118 -17.26 -48.04 -26.93
N MET B 119 -17.96 -47.51 -25.93
CA MET B 119 -17.37 -47.24 -24.63
C MET B 119 -17.99 -48.11 -23.55
N THR B 120 -17.30 -48.22 -22.43
CA THR B 120 -17.77 -49.03 -21.31
C THR B 120 -17.32 -48.38 -20.01
N VAL B 121 -18.19 -48.37 -19.00
CA VAL B 121 -17.86 -47.80 -17.71
C VAL B 121 -18.38 -48.77 -16.64
N ASP B 122 -17.48 -49.23 -15.77
CA ASP B 122 -17.86 -50.16 -14.71
C ASP B 122 -18.67 -51.34 -15.25
N GLY B 123 -18.29 -51.84 -16.42
CA GLY B 123 -19.01 -52.97 -17.01
C GLY B 123 -20.22 -52.63 -17.85
N GLN B 124 -20.64 -51.37 -17.84
CA GLN B 124 -21.80 -50.94 -18.63
C GLN B 124 -21.34 -50.59 -20.04
N GLU B 125 -21.54 -51.49 -21.00
CA GLU B 125 -21.13 -51.24 -22.38
C GLU B 125 -22.16 -50.41 -23.12
N SER B 126 -21.71 -49.37 -23.82
CA SER B 126 -22.60 -48.48 -24.57
C SER B 126 -22.95 -49.10 -25.92
N PRO B 127 -23.96 -48.55 -26.60
CA PRO B 127 -24.33 -49.11 -27.91
C PRO B 127 -23.20 -48.80 -28.90
N SER B 128 -22.92 -49.75 -29.79
CA SER B 128 -21.85 -49.55 -30.78
C SER B 128 -22.23 -48.53 -31.85
N VAL B 129 -21.21 -47.84 -32.35
CA VAL B 129 -21.37 -46.84 -33.39
C VAL B 129 -20.52 -47.27 -34.58
N THR B 130 -21.02 -47.05 -35.79
CA THR B 130 -20.28 -47.42 -36.99
C THR B 130 -19.25 -46.35 -37.34
N VAL B 131 -18.07 -46.78 -37.77
CA VAL B 131 -17.00 -45.88 -38.15
C VAL B 131 -17.43 -44.91 -39.25
N VAL B 132 -17.22 -43.62 -39.01
CA VAL B 132 -17.56 -42.58 -39.98
C VAL B 132 -16.44 -42.42 -41.01
N GLY B 133 -16.79 -42.51 -42.30
CA GLY B 133 -15.78 -42.34 -43.34
C GLY B 133 -15.27 -43.64 -43.92
N LYS B 134 -14.66 -43.54 -45.10
CA LYS B 134 -14.12 -44.71 -45.81
C LYS B 134 -12.69 -45.08 -45.42
N ALA B 135 -11.97 -44.17 -44.77
CA ALA B 135 -10.60 -44.45 -44.34
C ALA B 135 -10.65 -45.65 -43.39
N THR B 136 -9.66 -46.55 -43.47
CA THR B 136 -9.65 -47.73 -42.63
C THR B 136 -8.55 -47.84 -41.57
N THR B 137 -7.69 -46.84 -41.45
CA THR B 137 -6.60 -46.93 -40.47
C THR B 137 -6.32 -45.69 -39.62
N LEU B 138 -6.05 -45.92 -38.33
CA LEU B 138 -5.70 -44.87 -37.39
C LEU B 138 -4.19 -44.74 -37.50
N ASP B 139 -3.73 -43.64 -38.10
CA ASP B 139 -2.32 -43.41 -38.31
C ASP B 139 -1.80 -42.30 -37.39
N VAL B 140 -1.14 -42.70 -36.30
CA VAL B 140 -0.63 -41.73 -35.33
C VAL B 140 0.77 -42.06 -34.82
N GLU B 141 1.42 -41.07 -34.22
CA GLU B 141 2.73 -41.30 -33.63
C GLU B 141 2.44 -42.16 -32.41
N ARG B 142 3.19 -43.24 -32.23
CA ARG B 142 2.97 -44.13 -31.10
C ARG B 142 3.40 -43.62 -29.73
N LYS B 143 2.80 -42.51 -29.30
CA LYS B 143 3.08 -41.93 -27.99
C LYS B 143 1.76 -41.35 -27.48
N LEU B 144 1.39 -41.68 -26.24
CA LEU B 144 0.13 -41.20 -25.66
C LEU B 144 0.31 -40.12 -24.59
N TYR B 145 -0.50 -39.07 -24.68
CA TYR B 145 -0.46 -37.97 -23.71
C TYR B 145 -1.53 -38.29 -22.67
N LEU B 146 -1.11 -38.41 -21.41
CA LEU B 146 -2.04 -38.75 -20.35
C LEU B 146 -2.30 -37.61 -19.36
N GLY B 147 -3.57 -37.43 -19.00
CA GLY B 147 -3.94 -36.41 -18.03
C GLY B 147 -3.85 -34.95 -18.47
N GLY B 148 -3.28 -34.71 -19.64
CA GLY B 148 -3.14 -33.35 -20.12
C GLY B 148 -2.18 -33.29 -21.29
N LEU B 149 -1.87 -32.07 -21.71
CA LEU B 149 -0.96 -31.84 -22.83
C LEU B 149 0.17 -30.89 -22.41
N PRO B 150 1.36 -31.05 -23.01
CA PRO B 150 2.49 -30.18 -22.65
C PRO B 150 2.12 -28.77 -23.09
N SER B 151 2.66 -27.75 -22.43
CA SER B 151 2.32 -26.38 -22.78
C SER B 151 2.66 -25.98 -24.22
N HIS B 152 3.67 -26.63 -24.81
CA HIS B 152 4.07 -26.29 -26.17
C HIS B 152 3.10 -26.81 -27.24
N TYR B 153 2.50 -27.96 -26.99
CA TYR B 153 1.58 -28.57 -27.95
C TYR B 153 0.32 -27.72 -28.14
N ARG B 154 -0.14 -27.64 -29.38
CA ARG B 154 -1.34 -26.89 -29.71
C ARG B 154 -2.28 -27.80 -30.49
N ALA B 155 -3.25 -28.38 -29.78
CA ALA B 155 -4.23 -29.28 -30.37
C ALA B 155 -5.26 -28.48 -31.15
N ARG B 156 -5.42 -28.80 -32.42
CA ARG B 156 -6.35 -28.07 -33.28
C ARG B 156 -7.66 -28.78 -33.62
N ASN B 157 -7.71 -30.10 -33.50
CA ASN B 157 -8.91 -30.83 -33.90
C ASN B 157 -9.74 -31.56 -32.85
N ILE B 158 -9.61 -31.20 -31.57
CA ILE B 158 -10.37 -31.89 -30.54
C ILE B 158 -11.23 -30.97 -29.65
N GLY B 159 -11.56 -29.79 -30.16
CA GLY B 159 -12.38 -28.87 -29.40
C GLY B 159 -11.65 -28.05 -28.35
N THR B 160 -12.40 -27.51 -27.39
CA THR B 160 -11.86 -26.66 -26.33
C THR B 160 -11.35 -27.38 -25.08
N ILE B 161 -11.79 -28.62 -24.86
CA ILE B 161 -11.36 -29.37 -23.68
C ILE B 161 -9.93 -29.88 -23.84
N THR B 162 -8.97 -28.99 -23.60
CA THR B 162 -7.57 -29.34 -23.73
C THR B 162 -6.76 -29.16 -22.45
N HIS B 163 -7.42 -28.70 -21.38
CA HIS B 163 -6.73 -28.51 -20.09
C HIS B 163 -6.64 -29.85 -19.37
N SER B 164 -5.74 -29.94 -18.41
CA SER B 164 -5.54 -31.18 -17.66
C SER B 164 -6.70 -31.48 -16.71
N ILE B 165 -7.07 -32.75 -16.61
CA ILE B 165 -8.17 -33.15 -15.75
C ILE B 165 -7.76 -33.29 -14.27
N PRO B 166 -8.45 -32.57 -13.38
CA PRO B 166 -8.12 -32.66 -11.94
C PRO B 166 -8.61 -34.02 -11.46
N ALA B 167 -7.78 -35.04 -11.58
CA ALA B 167 -8.17 -36.37 -11.18
C ALA B 167 -6.99 -37.29 -10.92
N CYS B 168 -7.29 -38.42 -10.31
CA CYS B 168 -6.29 -39.43 -10.00
C CYS B 168 -6.49 -40.53 -11.03
N ILE B 169 -5.41 -40.96 -11.67
CA ILE B 169 -5.48 -42.03 -12.67
C ILE B 169 -4.64 -43.22 -12.22
N GLY B 170 -5.27 -44.39 -12.18
CA GLY B 170 -4.60 -45.61 -11.77
C GLY B 170 -3.88 -46.19 -12.97
N GLU B 171 -3.92 -47.50 -13.17
CA GLU B 171 -3.24 -48.03 -14.34
C GLU B 171 -3.98 -47.76 -15.63
N ILE B 172 -3.25 -47.85 -16.73
CA ILE B 172 -3.82 -47.66 -18.05
C ILE B 172 -3.12 -48.64 -18.98
N MET B 173 -3.90 -49.33 -19.80
CA MET B 173 -3.34 -50.28 -20.73
C MET B 173 -3.87 -50.04 -22.13
N VAL B 174 -3.02 -50.28 -23.13
CA VAL B 174 -3.41 -50.10 -24.53
C VAL B 174 -3.21 -51.43 -25.24
N ASN B 175 -4.26 -51.92 -25.90
CA ASN B 175 -4.19 -53.18 -26.62
C ASN B 175 -3.54 -54.29 -25.79
N GLY B 176 -3.95 -54.39 -24.53
CA GLY B 176 -3.45 -55.41 -23.64
C GLY B 176 -2.15 -55.15 -22.90
N GLN B 177 -1.43 -54.09 -23.28
CA GLN B 177 -0.15 -53.77 -22.65
C GLN B 177 -0.23 -52.64 -21.62
N GLN B 178 0.25 -52.92 -20.41
CA GLN B 178 0.25 -51.94 -19.34
C GLN B 178 1.29 -50.86 -19.65
N LEU B 179 0.92 -49.59 -19.50
CA LEU B 179 1.86 -48.50 -19.77
C LEU B 179 2.63 -48.14 -18.50
N ASP B 180 3.91 -47.83 -18.66
CA ASP B 180 4.79 -47.49 -17.53
C ASP B 180 4.75 -46.01 -17.17
N LYS B 181 3.84 -45.65 -16.28
CA LYS B 181 3.70 -44.25 -15.86
C LYS B 181 4.94 -43.73 -15.13
N ASP B 182 5.74 -44.62 -14.54
CA ASP B 182 6.93 -44.21 -13.81
C ASP B 182 8.13 -43.82 -14.66
N ARG B 183 8.05 -44.12 -15.95
CA ARG B 183 9.15 -43.78 -16.86
C ARG B 183 8.64 -43.06 -18.09
N PRO B 184 8.16 -41.82 -17.92
CA PRO B 184 7.64 -40.99 -19.00
C PRO B 184 8.75 -40.38 -19.87
N LEU B 185 8.40 -40.00 -21.10
CA LEU B 185 9.33 -39.37 -22.02
C LEU B 185 9.37 -37.88 -21.72
N SER B 186 8.26 -37.39 -21.16
CA SER B 186 8.12 -35.99 -20.79
C SER B 186 7.09 -35.97 -19.68
N ALA B 187 7.22 -35.02 -18.77
CA ALA B 187 6.27 -34.91 -17.65
C ALA B 187 6.29 -33.51 -17.06
N SER B 188 5.21 -33.16 -16.36
CA SER B 188 5.11 -31.84 -15.73
C SER B 188 3.97 -31.79 -14.72
N ALA B 189 4.28 -31.30 -13.52
CA ALA B 189 3.30 -31.13 -12.44
C ALA B 189 2.40 -32.31 -12.08
N VAL B 190 2.99 -33.46 -11.85
CA VAL B 190 2.24 -34.67 -11.48
C VAL B 190 2.68 -35.03 -10.07
N ASP B 191 1.74 -35.45 -9.23
CA ASP B 191 2.09 -35.83 -7.86
C ASP B 191 1.28 -37.07 -7.48
N ARG B 192 1.20 -37.36 -6.19
CA ARG B 192 0.46 -38.54 -5.72
C ARG B 192 -0.97 -38.22 -5.31
N CYS B 193 -1.78 -39.27 -5.22
CA CYS B 193 -3.19 -39.13 -4.85
C CYS B 193 -3.42 -39.63 -3.42
N TYR B 194 -4.37 -39.01 -2.72
CA TYR B 194 -4.70 -39.43 -1.36
C TYR B 194 -5.62 -40.66 -1.41
N VAL B 195 -5.46 -41.58 -0.45
CA VAL B 195 -6.30 -42.77 -0.40
C VAL B 195 -7.76 -42.38 -0.37
N VAL B 196 -8.06 -41.30 0.36
CA VAL B 196 -9.41 -40.76 0.47
C VAL B 196 -9.29 -39.25 0.28
N ALA B 197 -9.96 -38.70 -0.74
CA ALA B 197 -9.89 -37.27 -1.01
C ALA B 197 -11.25 -36.58 -0.92
N GLN B 198 -11.22 -35.26 -0.83
CA GLN B 198 -12.42 -34.43 -0.78
C GLN B 198 -12.14 -33.18 -1.62
N GLU B 199 -13.18 -32.45 -2.00
CA GLU B 199 -12.99 -31.25 -2.81
C GLU B 199 -12.19 -30.17 -2.07
N GLY B 200 -11.19 -29.60 -2.74
CA GLY B 200 -10.37 -28.57 -2.11
C GLY B 200 -8.90 -28.64 -2.50
N THR B 201 -8.11 -27.73 -1.92
CA THR B 201 -6.68 -27.65 -2.18
C THR B 201 -5.88 -27.77 -0.89
N PHE B 202 -4.95 -28.71 -0.84
CA PHE B 202 -4.14 -28.91 0.36
C PHE B 202 -2.88 -28.03 0.38
N PHE B 203 -2.61 -27.47 1.56
CA PHE B 203 -1.43 -26.65 1.82
C PHE B 203 -0.68 -27.45 2.91
N GLU B 204 0.55 -27.86 2.67
CA GLU B 204 1.28 -28.68 3.65
C GLU B 204 1.98 -27.90 4.76
N GLY B 205 2.05 -26.59 4.62
CA GLY B 205 2.67 -25.76 5.64
C GLY B 205 4.14 -25.44 5.38
N SER B 206 4.58 -25.67 4.14
CA SER B 206 5.96 -25.41 3.79
C SER B 206 6.11 -24.24 2.83
N GLY B 207 5.06 -23.90 2.10
CA GLY B 207 5.20 -22.84 1.14
C GLY B 207 4.07 -21.85 0.94
N TYR B 208 3.64 -21.74 -0.31
CA TYR B 208 2.60 -20.79 -0.69
C TYR B 208 2.31 -20.98 -2.18
N ALA B 209 1.39 -20.17 -2.68
CA ALA B 209 1.05 -20.16 -4.10
C ALA B 209 0.95 -18.68 -4.46
N ALA B 210 1.50 -18.29 -5.60
CA ALA B 210 1.47 -16.90 -6.04
C ALA B 210 0.68 -16.76 -7.33
N LEU B 211 -0.19 -15.75 -7.38
CA LEU B 211 -1.03 -15.51 -8.55
C LEU B 211 -0.94 -14.05 -9.06
N VAL B 212 -1.37 -13.84 -10.29
CA VAL B 212 -1.37 -12.50 -10.90
C VAL B 212 0.02 -11.88 -10.94
N LYS B 213 0.88 -12.46 -11.78
CA LYS B 213 2.25 -11.99 -11.92
C LYS B 213 2.36 -10.54 -12.39
N GLU B 214 1.41 -10.08 -13.19
CA GLU B 214 1.47 -8.72 -13.69
C GLU B 214 1.09 -7.70 -12.62
N GLY B 215 0.55 -8.20 -11.51
CA GLY B 215 0.19 -7.32 -10.42
C GLY B 215 -1.30 -7.05 -10.24
N TYR B 216 -1.74 -7.05 -8.98
CA TYR B 216 -3.13 -6.77 -8.64
C TYR B 216 -3.19 -5.46 -7.88
N LYS B 217 -4.15 -4.60 -8.24
CA LYS B 217 -4.31 -3.31 -7.57
C LYS B 217 -5.59 -3.32 -6.73
N VAL B 218 -5.44 -3.50 -5.42
CA VAL B 218 -6.60 -3.54 -4.51
C VAL B 218 -7.46 -2.28 -4.63
N ARG B 219 -6.81 -1.14 -4.47
CA ARG B 219 -7.45 0.17 -4.54
C ARG B 219 -8.59 0.41 -3.56
N LEU B 220 -9.82 0.67 -4.03
CA LEU B 220 -10.93 0.98 -3.13
C LEU B 220 -11.78 -0.15 -2.54
N ASP B 221 -12.23 -1.09 -3.38
CA ASP B 221 -13.09 -2.16 -2.90
C ASP B 221 -12.57 -3.55 -3.22
N LEU B 222 -12.60 -4.41 -2.21
CA LEU B 222 -12.16 -5.80 -2.35
C LEU B 222 -12.92 -6.69 -1.40
N GLN B 223 -13.35 -7.84 -1.91
CA GLN B 223 -14.05 -8.80 -1.08
C GLN B 223 -13.43 -10.16 -1.32
N ILE B 224 -13.07 -10.84 -0.23
CA ILE B 224 -12.47 -12.16 -0.29
C ILE B 224 -13.40 -13.14 0.42
N THR B 225 -13.72 -14.26 -0.24
CA THR B 225 -14.56 -15.28 0.38
C THR B 225 -13.90 -16.63 0.15
N LEU B 226 -13.98 -17.51 1.13
CA LEU B 226 -13.39 -18.83 1.05
C LEU B 226 -13.82 -19.68 2.23
N GLU B 227 -13.49 -20.97 2.18
CA GLU B 227 -13.78 -21.92 3.24
C GLU B 227 -12.44 -22.60 3.56
N PHE B 228 -12.21 -22.91 4.83
CA PHE B 228 -10.96 -23.55 5.23
C PHE B 228 -11.13 -24.51 6.40
N ARG B 229 -10.21 -25.47 6.50
CA ARG B 229 -10.18 -26.45 7.59
C ARG B 229 -8.69 -26.55 7.93
N THR B 230 -8.38 -26.73 9.21
CA THR B 230 -6.98 -26.80 9.64
C THR B 230 -6.88 -27.32 11.08
N THR B 231 -5.73 -27.88 11.44
CA THR B 231 -5.53 -28.35 12.82
C THR B 231 -4.37 -27.56 13.43
N SER B 232 -4.00 -26.47 12.76
CA SER B 232 -2.92 -25.61 13.22
C SER B 232 -3.48 -24.28 13.71
N LYS B 233 -2.86 -23.69 14.73
CA LYS B 233 -3.35 -22.42 15.25
C LYS B 233 -2.75 -21.19 14.57
N ASN B 234 -1.78 -21.39 13.67
CA ASN B 234 -1.17 -20.25 12.97
C ASN B 234 -1.01 -20.48 11.48
N GLY B 235 -1.35 -19.46 10.68
CA GLY B 235 -1.22 -19.62 9.24
C GLY B 235 -1.74 -18.46 8.42
N VAL B 236 -0.91 -17.98 7.51
CA VAL B 236 -1.25 -16.89 6.61
C VAL B 236 -2.24 -17.40 5.57
N LEU B 237 -3.31 -16.65 5.34
CA LEU B 237 -4.31 -17.03 4.34
C LEU B 237 -4.11 -16.31 3.01
N LEU B 238 -3.98 -14.99 3.06
CA LEU B 238 -3.78 -14.24 1.83
C LEU B 238 -3.11 -12.90 2.07
N GLY B 239 -2.26 -12.49 1.11
CA GLY B 239 -1.56 -11.23 1.22
C GLY B 239 -1.31 -10.54 -0.12
N ILE B 240 -1.54 -9.24 -0.16
CA ILE B 240 -1.30 -8.43 -1.37
C ILE B 240 -0.66 -7.17 -0.80
N SER B 241 0.60 -6.92 -1.15
CA SER B 241 1.31 -5.77 -0.60
C SER B 241 2.32 -5.08 -1.50
N SER B 242 2.42 -3.76 -1.36
CA SER B 242 3.39 -2.98 -2.12
C SER B 242 4.68 -3.17 -1.33
N ALA B 243 5.81 -2.68 -1.86
CA ALA B 243 7.08 -2.79 -1.17
C ALA B 243 7.23 -1.65 -0.17
N LYS B 244 6.15 -0.89 0.03
CA LYS B 244 6.18 0.23 0.97
C LYS B 244 5.12 0.16 2.08
N VAL B 245 4.10 1.00 1.98
CA VAL B 245 3.05 1.06 3.01
C VAL B 245 1.75 0.31 2.69
N ASP B 246 1.11 0.67 1.58
CA ASP B 246 -0.16 0.06 1.19
C ASP B 246 -0.14 -1.46 1.05
N ALA B 247 -1.15 -2.12 1.63
CA ALA B 247 -1.25 -3.57 1.60
C ALA B 247 -2.46 -4.08 2.38
N ILE B 248 -2.84 -5.32 2.10
CA ILE B 248 -3.94 -5.97 2.79
C ILE B 248 -3.46 -7.38 3.19
N GLY B 249 -4.08 -7.96 4.21
CA GLY B 249 -3.69 -9.29 4.64
C GLY B 249 -4.75 -10.01 5.46
N LEU B 250 -4.77 -11.33 5.33
CA LEU B 250 -5.71 -12.19 6.05
C LEU B 250 -4.87 -13.32 6.65
N GLU B 251 -4.97 -13.53 7.96
CA GLU B 251 -4.18 -14.55 8.62
C GLU B 251 -4.77 -15.11 9.91
N ILE B 252 -4.35 -16.33 10.27
CA ILE B 252 -4.80 -16.96 11.51
C ILE B 252 -3.62 -16.88 12.48
N VAL B 253 -3.86 -16.29 13.65
CA VAL B 253 -2.82 -16.13 14.66
C VAL B 253 -3.33 -16.53 16.05
N ASP B 254 -2.74 -17.58 16.60
CA ASP B 254 -3.12 -18.11 17.91
C ASP B 254 -4.61 -18.42 17.97
N GLY B 255 -5.13 -19.03 16.91
CA GLY B 255 -6.53 -19.40 16.89
C GLY B 255 -7.53 -18.31 16.51
N LYS B 256 -7.06 -17.09 16.28
CA LYS B 256 -7.96 -15.99 15.90
C LYS B 256 -7.76 -15.62 14.44
N VAL B 257 -8.78 -15.07 13.80
CA VAL B 257 -8.67 -14.64 12.40
C VAL B 257 -8.52 -13.12 12.38
N LEU B 258 -7.48 -12.64 11.71
CA LEU B 258 -7.22 -11.19 11.62
C LEU B 258 -7.25 -10.72 10.16
N PHE B 259 -7.89 -9.57 9.93
CA PHE B 259 -7.96 -8.96 8.61
C PHE B 259 -7.33 -7.57 8.78
N HIS B 260 -6.22 -7.34 8.08
CA HIS B 260 -5.47 -6.07 8.14
C HIS B 260 -5.51 -5.29 6.82
N VAL B 261 -5.70 -3.98 6.91
CA VAL B 261 -5.73 -3.13 5.72
C VAL B 261 -5.00 -1.82 5.97
N ASN B 262 -4.09 -1.44 5.07
CA ASN B 262 -3.39 -0.17 5.20
C ASN B 262 -3.52 0.58 3.87
N ASN B 263 -4.23 1.69 3.88
CA ASN B 263 -4.42 2.47 2.67
C ASN B 263 -3.36 3.56 2.53
N GLY B 264 -2.47 3.63 3.52
CA GLY B 264 -1.40 4.64 3.48
C GLY B 264 -1.26 5.44 4.75
N ALA B 265 -2.29 5.46 5.60
CA ALA B 265 -2.24 6.24 6.84
C ALA B 265 -2.08 5.40 8.10
N GLY B 266 -2.01 4.08 7.97
CA GLY B 266 -1.87 3.24 9.14
C GLY B 266 -2.75 2.00 9.06
N ARG B 267 -2.35 0.96 9.79
CA ARG B 267 -3.07 -0.31 9.78
C ARG B 267 -4.45 -0.33 10.45
N ILE B 268 -5.40 -0.95 9.77
CA ILE B 268 -6.77 -1.12 10.25
C ILE B 268 -6.87 -2.62 10.48
N THR B 269 -7.32 -3.04 11.67
CA THR B 269 -7.41 -4.47 11.97
C THR B 269 -8.71 -4.91 12.62
N ALA B 270 -9.30 -5.98 12.07
CA ALA B 270 -10.52 -6.55 12.61
C ALA B 270 -10.08 -7.90 13.16
N THR B 271 -10.45 -8.19 14.39
CA THR B 271 -10.04 -9.44 15.04
C THR B 271 -11.21 -10.33 15.42
N TYR B 272 -11.21 -11.57 14.93
CA TYR B 272 -12.28 -12.51 15.27
C TYR B 272 -11.76 -13.63 16.16
N GLN B 273 -12.31 -13.72 17.37
CA GLN B 273 -11.91 -14.76 18.30
C GLN B 273 -13.16 -15.58 18.62
N PRO B 274 -13.14 -16.88 18.28
CA PRO B 274 -14.29 -17.74 18.55
C PRO B 274 -14.60 -17.94 20.03
N ARG B 275 -15.87 -18.22 20.34
CA ARG B 275 -16.29 -18.47 21.70
C ARG B 275 -15.43 -19.58 22.31
N ALA B 276 -15.11 -20.57 21.48
CA ALA B 276 -14.29 -21.69 21.93
C ALA B 276 -12.86 -21.46 21.45
N ALA B 277 -11.98 -21.17 22.40
CA ALA B 277 -10.57 -20.89 22.14
C ALA B 277 -9.94 -21.58 20.93
N ARG B 278 -10.09 -22.90 20.85
CA ARG B 278 -9.52 -23.66 19.74
C ARG B 278 -10.58 -24.23 18.80
N ALA B 279 -11.66 -23.49 18.60
CA ALA B 279 -12.74 -23.94 17.73
C ALA B 279 -12.34 -23.96 16.26
N LEU B 280 -11.45 -23.06 15.86
CA LEU B 280 -11.04 -23.02 14.46
C LEU B 280 -10.07 -24.13 14.05
N CYS B 281 -9.24 -24.62 14.97
CA CYS B 281 -8.30 -25.69 14.63
C CYS B 281 -8.87 -27.08 14.95
N ASP B 282 -10.19 -27.23 14.76
CA ASP B 282 -10.87 -28.48 15.04
C ASP B 282 -10.92 -29.43 13.84
N GLY B 283 -10.32 -29.01 12.73
CA GLY B 283 -10.30 -29.85 11.55
C GLY B 283 -11.53 -29.82 10.68
N LYS B 284 -12.57 -29.10 11.10
CA LYS B 284 -13.79 -29.01 10.28
C LYS B 284 -13.73 -27.77 9.39
N TRP B 285 -14.65 -27.67 8.42
CA TRP B 285 -14.66 -26.52 7.53
C TRP B 285 -15.32 -25.31 8.15
N HIS B 286 -14.75 -24.14 7.89
CA HIS B 286 -15.25 -22.88 8.40
C HIS B 286 -15.39 -21.95 7.20
N THR B 287 -16.38 -21.07 7.26
CA THR B 287 -16.63 -20.11 6.19
C THR B 287 -16.02 -18.78 6.57
N LEU B 288 -15.53 -18.05 5.58
CA LEU B 288 -14.92 -16.74 5.82
C LEU B 288 -15.21 -15.73 4.72
N GLN B 289 -15.49 -14.49 5.14
CA GLN B 289 -15.74 -13.40 4.20
C GLN B 289 -15.08 -12.14 4.78
N ALA B 290 -14.22 -11.51 3.99
CA ALA B 290 -13.51 -10.30 4.42
C ALA B 290 -13.80 -9.20 3.40
N HIS B 291 -14.37 -8.09 3.87
CA HIS B 291 -14.72 -7.01 2.95
C HIS B 291 -14.10 -5.66 3.27
N LYS B 292 -13.43 -5.09 2.26
CA LYS B 292 -12.81 -3.78 2.36
C LYS B 292 -13.57 -2.79 1.49
N SER B 293 -14.07 -1.72 2.10
CA SER B 293 -14.76 -0.67 1.38
C SER B 293 -14.15 0.63 1.88
N LYS B 294 -13.22 1.16 1.10
CA LYS B 294 -12.51 2.38 1.47
C LYS B 294 -11.75 2.16 2.76
N HIS B 295 -12.03 2.96 3.79
CA HIS B 295 -11.34 2.84 5.07
C HIS B 295 -12.10 2.01 6.10
N ARG B 296 -13.16 1.33 5.67
CA ARG B 296 -13.95 0.50 6.58
C ARG B 296 -13.79 -0.97 6.19
N ILE B 297 -13.79 -1.85 7.19
CA ILE B 297 -13.66 -3.27 6.91
C ILE B 297 -14.59 -4.11 7.78
N VAL B 298 -14.91 -5.29 7.28
CA VAL B 298 -15.78 -6.20 7.99
C VAL B 298 -15.25 -7.62 7.74
N LEU B 299 -15.10 -8.37 8.82
CA LEU B 299 -14.62 -9.76 8.77
C LEU B 299 -15.71 -10.64 9.35
N THR B 300 -16.16 -11.62 8.57
CA THR B 300 -17.20 -12.54 9.01
C THR B 300 -16.68 -13.98 8.96
N VAL B 301 -16.74 -14.68 10.09
CA VAL B 301 -16.29 -16.07 10.17
C VAL B 301 -17.42 -16.93 10.75
N ASP B 302 -17.84 -17.95 10.00
CA ASP B 302 -18.94 -18.82 10.43
C ASP B 302 -20.20 -17.98 10.72
N GLY B 303 -20.40 -16.94 9.92
CA GLY B 303 -21.56 -16.08 10.08
C GLY B 303 -21.47 -15.01 11.15
N ASN B 304 -20.37 -14.96 11.88
CA ASN B 304 -20.19 -13.98 12.95
C ASN B 304 -19.31 -12.83 12.43
N SER B 305 -19.85 -11.61 12.48
CA SER B 305 -19.11 -10.45 11.97
C SER B 305 -18.49 -9.55 13.02
N VAL B 306 -17.33 -9.00 12.67
CA VAL B 306 -16.59 -8.07 13.51
C VAL B 306 -16.14 -6.97 12.56
N ARG B 307 -16.14 -5.72 13.03
CA ARG B 307 -15.73 -4.64 12.14
C ARG B 307 -14.78 -3.63 12.73
N ALA B 308 -14.20 -2.82 11.86
CA ALA B 308 -13.24 -1.80 12.24
C ALA B 308 -13.14 -0.77 11.11
N GLU B 309 -12.66 0.41 11.45
CA GLU B 309 -12.48 1.47 10.45
C GLU B 309 -11.39 2.43 10.90
N SER B 310 -10.67 2.97 9.93
CA SER B 310 -9.58 3.88 10.22
C SER B 310 -10.06 5.25 10.70
N PRO B 311 -9.35 5.84 11.66
CA PRO B 311 -9.74 7.17 12.16
C PRO B 311 -9.30 8.21 11.11
N HIS B 312 -8.42 7.80 10.20
CA HIS B 312 -7.90 8.66 9.13
C HIS B 312 -8.74 8.43 7.86
N THR B 313 -9.86 9.14 7.77
CA THR B 313 -10.79 9.01 6.65
C THR B 313 -10.32 9.49 5.28
N HIS B 314 -9.19 10.18 5.20
CA HIS B 314 -8.70 10.66 3.91
C HIS B 314 -7.98 9.57 3.13
N SER B 315 -7.61 8.49 3.83
CA SER B 315 -6.88 7.37 3.23
C SER B 315 -7.84 6.22 2.94
N THR B 316 -8.31 6.13 1.70
CA THR B 316 -9.28 5.09 1.33
C THR B 316 -8.87 4.09 0.24
N SER B 317 -7.76 4.35 -0.43
CA SER B 317 -7.28 3.45 -1.50
C SER B 317 -6.02 2.69 -1.12
N ALA B 318 -6.04 1.37 -1.34
CA ALA B 318 -4.87 0.52 -1.07
C ALA B 318 -4.14 0.38 -2.39
N ASP B 319 -3.18 1.27 -2.61
CA ASP B 319 -2.43 1.35 -3.85
C ASP B 319 -1.33 0.31 -4.09
N THR B 320 -1.74 -0.93 -4.29
CA THR B 320 -0.80 -2.00 -4.57
C THR B 320 -0.73 -2.21 -6.09
N ASN B 321 0.18 -3.07 -6.53
CA ASN B 321 0.36 -3.42 -7.93
C ASN B 321 1.30 -4.60 -7.82
N ASP B 322 0.84 -5.63 -7.13
CA ASP B 322 1.68 -6.77 -6.83
C ASP B 322 0.95 -8.12 -6.90
N PRO B 323 1.71 -9.22 -6.90
CA PRO B 323 1.12 -10.57 -6.97
C PRO B 323 0.26 -10.89 -5.73
N ILE B 324 -0.63 -11.86 -5.88
CA ILE B 324 -1.49 -12.28 -4.77
C ILE B 324 -0.89 -13.56 -4.18
N TYR B 325 -0.49 -13.52 -2.91
CA TYR B 325 0.07 -14.70 -2.27
C TYR B 325 -0.98 -15.41 -1.42
N VAL B 326 -1.12 -16.71 -1.63
CA VAL B 326 -2.10 -17.50 -0.89
C VAL B 326 -1.43 -18.58 -0.06
N GLY B 327 -1.75 -18.62 1.23
CA GLY B 327 -1.19 -19.64 2.12
C GLY B 327 0.17 -19.32 2.73
N GLY B 328 0.74 -18.18 2.37
CA GLY B 328 2.05 -17.79 2.87
C GLY B 328 2.77 -16.92 1.86
N TYR B 329 4.07 -16.72 2.04
CA TYR B 329 4.85 -15.89 1.11
C TYR B 329 6.36 -16.07 1.34
N PRO B 330 7.16 -15.94 0.27
CA PRO B 330 8.61 -16.09 0.38
C PRO B 330 9.25 -15.00 1.24
N ALA B 331 10.25 -15.40 2.03
CA ALA B 331 10.94 -14.50 2.94
C ALA B 331 11.48 -13.19 2.40
N HIS B 332 11.74 -13.12 1.10
CA HIS B 332 12.27 -11.88 0.53
C HIS B 332 11.19 -10.93 0.06
N ILE B 333 9.93 -11.30 0.28
CA ILE B 333 8.80 -10.47 -0.14
C ILE B 333 8.15 -9.79 1.05
N LYS B 334 8.03 -8.46 0.99
CA LYS B 334 7.42 -7.70 2.09
C LYS B 334 5.90 -7.81 2.08
N GLN B 335 5.31 -7.89 3.26
CA GLN B 335 3.86 -7.96 3.42
C GLN B 335 3.53 -7.05 4.59
N ASN B 336 3.37 -5.77 4.27
CA ASN B 336 3.10 -4.76 5.30
C ASN B 336 1.79 -4.91 6.05
N SER B 337 0.92 -5.80 5.58
CA SER B 337 -0.35 -6.00 6.26
C SER B 337 -0.57 -7.43 6.79
N LEU B 338 0.54 -8.07 7.16
CA LEU B 338 0.53 -9.40 7.77
C LEU B 338 1.54 -9.37 8.93
N SER B 339 1.12 -9.82 10.11
CA SER B 339 2.02 -9.83 11.27
C SER B 339 2.72 -11.18 11.39
N SER B 340 2.19 -12.19 10.70
CA SER B 340 2.74 -13.54 10.75
C SER B 340 3.53 -13.89 9.50
N ARG B 341 4.32 -14.96 9.58
CA ARG B 341 5.12 -15.43 8.47
C ARG B 341 4.84 -16.93 8.31
N ALA B 342 3.99 -17.45 9.17
CA ALA B 342 3.63 -18.86 9.18
C ALA B 342 2.88 -19.30 7.92
N SER B 343 3.38 -20.35 7.28
CA SER B 343 2.71 -20.90 6.10
C SER B 343 1.49 -21.66 6.61
N PHE B 344 0.38 -21.51 5.91
CA PHE B 344 -0.87 -22.19 6.25
C PHE B 344 -0.77 -23.71 6.06
N ARG B 345 -1.45 -24.45 6.93
CA ARG B 345 -1.49 -25.90 6.82
C ARG B 345 -2.95 -26.37 6.92
N GLY B 346 -3.44 -27.01 5.87
CA GLY B 346 -4.81 -27.48 5.82
C GLY B 346 -5.35 -27.36 4.39
N CYS B 347 -6.65 -27.22 4.22
CA CYS B 347 -7.21 -27.08 2.86
C CYS B 347 -8.06 -25.82 2.73
N VAL B 348 -8.20 -25.36 1.50
CA VAL B 348 -9.00 -24.19 1.17
C VAL B 348 -9.84 -24.59 -0.05
N ARG B 349 -11.11 -24.16 -0.05
CA ARG B 349 -12.00 -24.45 -1.18
C ARG B 349 -12.85 -23.22 -1.45
N ASN B 350 -13.37 -23.13 -2.67
CA ASN B 350 -14.21 -22.01 -3.08
C ASN B 350 -13.63 -20.63 -2.82
N LEU B 351 -12.37 -20.43 -3.19
CA LEU B 351 -11.70 -19.15 -2.99
C LEU B 351 -12.11 -18.20 -4.12
N ARG B 352 -12.72 -17.07 -3.75
CA ARG B 352 -13.15 -16.08 -4.73
C ARG B 352 -12.78 -14.67 -4.33
N LEU B 353 -12.51 -13.84 -5.33
CA LEU B 353 -12.14 -12.45 -5.12
C LEU B 353 -13.09 -11.56 -5.92
N SER B 354 -13.46 -10.41 -5.35
CA SER B 354 -14.36 -9.50 -6.02
C SER B 354 -13.97 -8.04 -5.84
N ARG B 355 -14.20 -7.25 -6.88
CA ARG B 355 -13.94 -5.81 -6.86
C ARG B 355 -15.29 -5.23 -7.24
N GLY B 356 -16.08 -4.86 -6.24
CA GLY B 356 -17.40 -4.32 -6.52
C GLY B 356 -18.27 -5.42 -7.10
N SER B 357 -18.79 -5.20 -8.31
CA SER B 357 -19.64 -6.20 -8.97
C SER B 357 -18.84 -7.28 -9.69
N GLN B 358 -17.60 -6.98 -10.04
CA GLN B 358 -16.74 -7.95 -10.73
C GLN B 358 -16.34 -9.08 -9.78
N VAL B 359 -16.67 -10.31 -10.14
CA VAL B 359 -16.34 -11.46 -9.29
C VAL B 359 -15.64 -12.55 -10.08
N GLN B 360 -14.70 -13.23 -9.45
CA GLN B 360 -13.99 -14.31 -10.11
C GLN B 360 -13.38 -15.28 -9.11
N SER B 361 -13.47 -16.57 -9.41
CA SER B 361 -12.89 -17.57 -8.53
C SER B 361 -11.41 -17.60 -8.84
N LEU B 362 -10.58 -17.72 -7.80
CA LEU B 362 -9.14 -17.78 -8.00
C LEU B 362 -8.76 -19.24 -8.15
N ASP B 363 -8.37 -19.63 -9.37
CA ASP B 363 -7.99 -21.01 -9.63
C ASP B 363 -6.53 -21.18 -9.27
N LEU B 364 -6.27 -21.89 -8.19
CA LEU B 364 -4.89 -22.10 -7.74
C LEU B 364 -4.03 -22.89 -8.72
N SER B 365 -4.64 -23.62 -9.64
CA SER B 365 -3.84 -24.39 -10.61
C SER B 365 -3.16 -23.46 -11.62
N ARG B 366 -3.55 -22.17 -11.58
CA ARG B 366 -2.96 -21.17 -12.48
C ARG B 366 -1.84 -20.37 -11.83
N ALA B 367 -1.49 -20.70 -10.59
CA ALA B 367 -0.42 -19.99 -9.89
C ALA B 367 0.86 -20.01 -10.72
N PHE B 368 1.60 -18.91 -10.74
CA PHE B 368 2.83 -18.86 -11.51
C PHE B 368 4.03 -19.36 -10.69
N ASP B 369 3.80 -19.65 -9.41
CA ASP B 369 4.83 -20.15 -8.51
C ASP B 369 4.14 -20.94 -7.39
N LEU B 370 4.29 -22.26 -7.40
CA LEU B 370 3.67 -23.15 -6.40
C LEU B 370 4.73 -23.84 -5.54
N GLN B 371 4.60 -23.71 -4.22
CA GLN B 371 5.54 -24.35 -3.28
C GLN B 371 4.78 -24.98 -2.11
N GLY B 372 4.74 -26.31 -2.06
CA GLY B 372 4.04 -26.98 -0.97
C GLY B 372 2.52 -26.82 -1.02
N VAL B 373 1.97 -26.60 -2.21
CA VAL B 373 0.53 -26.44 -2.39
C VAL B 373 0.08 -27.35 -3.51
N PHE B 374 -1.04 -28.03 -3.33
CA PHE B 374 -1.52 -28.99 -4.31
C PHE B 374 -2.94 -28.71 -4.77
N PRO B 375 -3.09 -27.82 -5.76
CA PRO B 375 -4.42 -27.47 -6.28
C PRO B 375 -5.37 -28.62 -6.64
N HIS B 376 -6.56 -28.55 -6.06
CA HIS B 376 -7.65 -29.50 -6.26
C HIS B 376 -7.46 -30.88 -5.59
N SER B 377 -6.36 -31.04 -4.85
CA SER B 377 -6.09 -32.29 -4.14
C SER B 377 -6.08 -32.05 -2.64
N CYS B 378 -7.12 -32.53 -1.94
CA CYS B 378 -7.22 -32.35 -0.48
C CYS B 378 -7.58 -33.67 0.21
N PRO B 379 -6.80 -34.04 1.24
CA PRO B 379 -7.07 -35.30 1.96
C PRO B 379 -8.41 -35.33 2.69
N GLY B 380 -9.12 -36.45 2.57
CA GLY B 380 -10.41 -36.61 3.22
C GLY B 380 -10.26 -37.51 4.45
N PRO B 381 -11.34 -38.14 4.92
CA PRO B 381 -12.70 -38.05 4.37
C PRO B 381 -13.37 -36.80 4.90
N GLU B 382 -14.56 -36.50 4.36
CA GLU B 382 -15.32 -35.33 4.79
C GLU B 382 -16.58 -35.17 3.93
N PRO B 383 -17.38 -34.27 4.23
#